data_6X4S
#
_entry.id   6X4S
#
_cell.length_a   1.00
_cell.length_b   1.00
_cell.length_c   1.00
_cell.angle_alpha   90.00
_cell.angle_beta   90.00
_cell.angle_gamma   90.00
#
_symmetry.space_group_name_H-M   'P 1'
#
loop_
_entity.id
_entity.type
_entity.pdbx_description
1 polymer 'Calcium uniporter protein,Protein EMRE homolog, mitochondrial-like Protein fusion'
2 non-polymer 'CALCIUM ION'
#
_entity_poly.entity_id   1
_entity_poly.type   'polypeptide(L)'
_entity_poly.pdbx_seq_one_letter_code
;GPTAAALERLTTEEVQGLSDVKTLVNQLYEALNVREHQLQKEVELTTQLETLQQELLPLEEKKLELEQVANRRSNWMAWA
GLGLMSVQFGILARLTWWEYSWDIMEPVTYFVTYGTAMAAYAYFVLTREEYILNDVRDRQQLLLLHKKAKKTGFDVNQYN
VLKDQIAKLELDLKRLRDPLKLRLPPKAAASGSGSGENLYFQGSGGLLPEPHRTSFGIIRLILTVVPGLLIGAAISKNIA
NFL
;
_entity_poly.pdbx_strand_id   A,B,C,D,E,F,G,H
#
# COMPACT_ATOMS: atom_id res chain seq x y z
N ASP A 20 -55.51 -19.12 1.89
CA ASP A 20 -55.66 -19.61 0.53
C ASP A 20 -54.41 -20.34 0.07
N VAL A 21 -53.41 -19.57 -0.36
CA VAL A 21 -52.16 -20.18 -0.82
C VAL A 21 -51.37 -20.83 0.29
N LYS A 22 -51.75 -20.59 1.55
CA LYS A 22 -51.00 -21.16 2.66
C LYS A 22 -51.10 -22.67 2.66
N THR A 23 -52.33 -23.18 2.55
CA THR A 23 -52.50 -24.63 2.48
C THR A 23 -51.89 -25.18 1.21
N LEU A 24 -51.82 -24.37 0.15
CA LEU A 24 -51.22 -24.84 -1.10
C LEU A 24 -49.71 -24.98 -0.98
N VAL A 25 -49.03 -24.01 -0.35
CA VAL A 25 -47.59 -24.16 -0.13
C VAL A 25 -47.31 -25.24 0.89
N ASN A 26 -48.25 -25.46 1.82
CA ASN A 26 -48.13 -26.57 2.74
C ASN A 26 -48.13 -27.90 1.99
N GLN A 27 -49.06 -28.05 1.04
CA GLN A 27 -49.08 -29.26 0.23
C GLN A 27 -47.81 -29.39 -0.61
N LEU A 28 -47.31 -28.28 -1.14
CA LEU A 28 -46.06 -28.33 -1.88
C LEU A 28 -44.90 -28.73 -1.00
N TYR A 29 -44.83 -28.18 0.22
CA TYR A 29 -43.77 -28.55 1.14
C TYR A 29 -43.84 -30.03 1.48
N GLU A 30 -45.04 -30.53 1.73
CA GLU A 30 -45.20 -31.95 2.00
C GLU A 30 -44.74 -32.79 0.81
N ALA A 31 -44.99 -32.31 -0.41
CA ALA A 31 -44.63 -33.09 -1.59
C ALA A 31 -43.12 -33.11 -1.83
N LEU A 32 -42.52 -31.93 -2.09
CA LEU A 32 -41.11 -31.89 -2.44
C LEU A 32 -40.19 -31.90 -1.23
N ASN A 33 -40.32 -30.89 -0.36
CA ASN A 33 -39.46 -30.76 0.82
C ASN A 33 -39.95 -31.77 1.85
N VAL A 34 -39.57 -33.03 1.62
CA VAL A 34 -39.98 -34.18 2.42
C VAL A 34 -39.74 -33.95 3.91
N ARG A 35 -38.90 -32.95 4.23
CA ARG A 35 -38.49 -32.53 5.57
C ARG A 35 -37.43 -33.47 6.12
N GLU A 36 -36.86 -34.33 5.29
CA GLU A 36 -35.59 -34.98 5.58
C GLU A 36 -34.43 -34.19 5.04
N HIS A 37 -34.62 -32.88 4.83
CA HIS A 37 -33.67 -32.06 4.11
C HIS A 37 -32.51 -31.61 4.98
N GLN A 38 -32.57 -31.83 6.29
CA GLN A 38 -31.48 -31.41 7.16
C GLN A 38 -30.21 -32.21 6.88
N LEU A 39 -30.30 -33.54 6.96
CA LEU A 39 -29.12 -34.36 6.70
C LEU A 39 -28.71 -34.25 5.25
N GLN A 40 -29.67 -34.09 4.33
CA GLN A 40 -29.33 -33.82 2.95
C GLN A 40 -28.51 -32.55 2.84
N LYS A 41 -28.89 -31.51 3.60
CA LYS A 41 -28.12 -30.28 3.60
C LYS A 41 -26.71 -30.52 4.14
N GLU A 42 -26.58 -31.30 5.21
CA GLU A 42 -25.26 -31.61 5.75
C GLU A 42 -24.37 -32.25 4.69
N VAL A 43 -24.86 -33.29 4.05
CA VAL A 43 -24.02 -34.04 3.12
C VAL A 43 -23.75 -33.22 1.87
N GLU A 44 -24.76 -32.49 1.39
CA GLU A 44 -24.56 -31.67 0.20
C GLU A 44 -23.54 -30.58 0.47
N LEU A 45 -23.58 -30.01 1.68
CA LEU A 45 -22.60 -29.01 2.06
C LEU A 45 -21.20 -29.60 2.12
N THR A 46 -21.05 -30.73 2.80
CA THR A 46 -19.71 -31.30 2.98
C THR A 46 -19.16 -31.96 1.74
N THR A 47 -19.92 -32.00 0.64
CA THR A 47 -19.36 -32.40 -0.64
C THR A 47 -19.19 -31.23 -1.59
N GLN A 48 -20.07 -30.23 -1.51
CA GLN A 48 -19.83 -29.02 -2.26
C GLN A 48 -18.53 -28.36 -1.83
N LEU A 49 -18.19 -28.47 -0.54
CA LEU A 49 -16.93 -27.92 -0.07
C LEU A 49 -15.75 -28.60 -0.71
N GLU A 50 -15.78 -29.93 -0.81
CA GLU A 50 -14.66 -30.63 -1.41
C GLU A 50 -14.56 -30.31 -2.89
N THR A 51 -15.69 -30.21 -3.59
CA THR A 51 -15.67 -29.86 -5.00
C THR A 51 -15.08 -28.49 -5.20
N LEU A 52 -15.40 -27.53 -4.32
CA LEU A 52 -14.83 -26.20 -4.44
C LEU A 52 -13.32 -26.23 -4.23
N GLN A 53 -12.85 -26.92 -3.19
CA GLN A 53 -11.41 -26.98 -2.97
C GLN A 53 -10.68 -27.56 -4.17
N GLN A 54 -11.24 -28.61 -4.76
CA GLN A 54 -10.60 -29.19 -5.94
C GLN A 54 -10.58 -28.17 -7.06
N GLU A 55 -11.63 -27.38 -7.18
CA GLU A 55 -11.66 -26.31 -8.17
C GLU A 55 -10.67 -25.21 -7.85
N LEU A 56 -10.29 -25.06 -6.58
CA LEU A 56 -9.43 -23.95 -6.21
C LEU A 56 -7.96 -24.28 -6.44
N LEU A 57 -7.55 -25.53 -6.21
CA LEU A 57 -6.14 -25.90 -6.21
C LEU A 57 -5.36 -25.46 -7.44
N PRO A 58 -5.84 -25.64 -8.67
CA PRO A 58 -5.05 -25.16 -9.81
C PRO A 58 -4.76 -23.68 -9.78
N LEU A 59 -5.76 -22.85 -9.48
CA LEU A 59 -5.51 -21.42 -9.36
C LEU A 59 -4.44 -21.13 -8.32
N GLU A 60 -4.45 -21.86 -7.21
CA GLU A 60 -3.49 -21.61 -6.15
C GLU A 60 -2.08 -21.97 -6.60
N GLU A 61 -1.92 -23.09 -7.31
CA GLU A 61 -0.59 -23.46 -7.77
C GLU A 61 -0.06 -22.50 -8.81
N LYS A 62 -0.93 -21.99 -9.68
CA LYS A 62 -0.51 -20.96 -10.61
C LYS A 62 -0.03 -19.72 -9.86
N LYS A 63 -0.78 -19.29 -8.85
CA LYS A 63 -0.37 -18.13 -8.08
C LYS A 63 0.96 -18.35 -7.38
N LEU A 64 1.16 -19.54 -6.81
CA LEU A 64 2.41 -19.80 -6.10
C LEU A 64 3.59 -19.79 -7.04
N GLU A 65 3.44 -20.42 -8.21
CA GLU A 65 4.53 -20.39 -9.18
C GLU A 65 4.83 -18.96 -9.61
N LEU A 66 3.78 -18.18 -9.88
CA LEU A 66 3.99 -16.79 -10.28
C LEU A 66 4.69 -16.00 -9.18
N GLU A 67 4.32 -16.23 -7.93
CA GLU A 67 4.93 -15.49 -6.83
C GLU A 67 6.42 -15.81 -6.72
N GLN A 68 6.76 -17.10 -6.78
CA GLN A 68 8.16 -17.49 -6.67
C GLN A 68 8.98 -16.94 -7.83
N VAL A 69 8.41 -16.94 -9.04
CA VAL A 69 9.16 -16.46 -10.20
C VAL A 69 9.36 -14.95 -10.11
N ALA A 70 8.43 -14.24 -9.48
CA ALA A 70 8.63 -12.81 -9.28
C ALA A 70 9.39 -12.50 -8.01
N ASN A 71 9.66 -13.51 -7.19
CA ASN A 71 10.46 -13.32 -5.99
C ASN A 71 11.94 -13.51 -6.26
N ARG A 72 12.29 -14.54 -7.02
CA ARG A 72 13.69 -14.79 -7.36
C ARG A 72 14.32 -13.57 -8.01
N ARG A 73 13.58 -12.89 -8.88
CA ARG A 73 14.12 -11.73 -9.56
C ARG A 73 14.51 -10.64 -8.56
N SER A 74 13.61 -10.32 -7.64
CA SER A 74 13.92 -9.25 -6.70
C SER A 74 15.05 -9.63 -5.75
N ASN A 75 15.09 -10.89 -5.34
CA ASN A 75 16.18 -11.34 -4.49
C ASN A 75 17.53 -11.20 -5.19
N TRP A 76 17.63 -11.73 -6.41
CA TRP A 76 18.86 -11.61 -7.17
C TRP A 76 19.25 -10.16 -7.38
N MET A 77 18.28 -9.31 -7.71
CA MET A 77 18.60 -7.91 -7.97
C MET A 77 19.11 -7.22 -6.71
N ALA A 78 18.53 -7.53 -5.56
CA ALA A 78 18.99 -6.92 -4.33
C ALA A 78 20.41 -7.33 -3.99
N TRP A 79 20.71 -8.63 -4.11
CA TRP A 79 22.07 -9.08 -3.82
C TRP A 79 23.07 -8.46 -4.77
N ALA A 80 22.70 -8.31 -6.04
CA ALA A 80 23.61 -7.67 -6.97
C ALA A 80 23.84 -6.21 -6.60
N GLY A 81 22.79 -5.53 -6.14
CA GLY A 81 22.96 -4.16 -5.70
C GLY A 81 23.92 -4.04 -4.53
N LEU A 82 23.84 -4.96 -3.58
CA LEU A 82 24.77 -4.95 -2.46
C LEU A 82 26.20 -5.22 -2.92
N GLY A 83 26.37 -6.16 -3.84
CA GLY A 83 27.70 -6.41 -4.38
C GLY A 83 28.28 -5.17 -5.03
N LEU A 84 27.45 -4.42 -5.75
CA LEU A 84 27.95 -3.22 -6.43
C LEU A 84 28.31 -2.13 -5.44
N MET A 85 27.54 -1.94 -4.38
CA MET A 85 27.95 -0.98 -3.37
C MET A 85 29.30 -1.36 -2.78
N SER A 86 29.49 -2.64 -2.47
CA SER A 86 30.77 -3.07 -1.91
C SER A 86 31.92 -2.87 -2.89
N VAL A 87 31.71 -3.11 -4.18
CA VAL A 87 32.80 -2.92 -5.12
C VAL A 87 33.19 -1.46 -5.19
N GLN A 88 32.20 -0.56 -5.18
CA GLN A 88 32.51 0.86 -5.18
C GLN A 88 33.28 1.25 -3.92
N PHE A 89 32.88 0.71 -2.77
CA PHE A 89 33.62 0.96 -1.54
C PHE A 89 35.07 0.54 -1.70
N GLY A 90 35.31 -0.65 -2.26
CA GLY A 90 36.67 -1.12 -2.41
C GLY A 90 37.48 -0.22 -3.33
N ILE A 91 36.87 0.22 -4.44
CA ILE A 91 37.60 1.07 -5.37
C ILE A 91 38.01 2.37 -4.69
N LEU A 92 37.12 2.97 -3.90
CA LEU A 92 37.47 4.23 -3.26
C LEU A 92 38.46 4.03 -2.13
N ALA A 93 38.36 2.94 -1.38
CA ALA A 93 39.27 2.76 -0.27
C ALA A 93 40.66 2.35 -0.71
N ARG A 94 40.80 1.76 -1.88
CA ARG A 94 42.13 1.47 -2.40
C ARG A 94 42.72 2.64 -3.16
N LEU A 95 41.90 3.60 -3.56
CA LEU A 95 42.43 4.78 -4.21
C LEU A 95 42.93 5.78 -3.17
N THR A 96 42.09 6.12 -2.18
CA THR A 96 42.42 7.21 -1.28
C THR A 96 43.36 6.81 -0.16
N TRP A 97 43.99 5.65 -0.22
CA TRP A 97 44.93 5.27 0.82
C TRP A 97 46.17 4.58 0.34
N TRP A 98 46.25 4.17 -0.93
CA TRP A 98 47.48 3.62 -1.48
C TRP A 98 47.99 4.42 -2.66
N GLU A 99 47.14 4.71 -3.64
CA GLU A 99 47.63 5.39 -4.84
C GLU A 99 47.72 6.90 -4.65
N TYR A 100 46.67 7.51 -4.11
CA TYR A 100 46.61 8.96 -4.01
C TYR A 100 46.57 9.35 -2.54
N SER A 101 46.38 10.64 -2.30
CA SER A 101 46.13 11.14 -0.95
C SER A 101 44.65 11.37 -0.77
N TRP A 102 44.25 11.69 0.46
CA TRP A 102 42.84 11.94 0.68
C TRP A 102 42.38 13.24 0.03
N ASP A 103 43.19 14.28 0.13
CA ASP A 103 42.71 15.59 -0.29
C ASP A 103 42.52 15.67 -1.79
N ILE A 104 43.35 14.98 -2.56
CA ILE A 104 43.17 15.06 -4.01
C ILE A 104 41.98 14.23 -4.45
N MET A 105 41.65 13.15 -3.72
CA MET A 105 40.50 12.33 -4.05
C MET A 105 39.31 12.66 -3.16
N GLU A 106 39.20 13.88 -2.68
CA GLU A 106 37.98 14.17 -1.95
C GLU A 106 36.86 14.48 -2.93
N PRO A 107 37.07 15.33 -3.94
CA PRO A 107 35.95 15.61 -4.85
C PRO A 107 35.61 14.43 -5.73
N VAL A 108 36.56 13.55 -6.02
CA VAL A 108 36.23 12.38 -6.80
C VAL A 108 35.23 11.51 -6.05
N THR A 109 35.42 11.36 -4.74
CA THR A 109 34.48 10.57 -3.96
C THR A 109 33.13 11.23 -3.87
N TYR A 110 33.08 12.54 -3.70
CA TYR A 110 31.79 13.18 -3.66
C TYR A 110 31.04 12.99 -4.97
N PHE A 111 31.74 13.15 -6.09
CA PHE A 111 31.04 13.05 -7.37
C PHE A 111 30.72 11.60 -7.72
N VAL A 112 31.51 10.66 -7.23
CA VAL A 112 31.15 9.26 -7.42
C VAL A 112 29.90 8.94 -6.61
N THR A 113 29.80 9.47 -5.40
CA THR A 113 28.58 9.26 -4.62
C THR A 113 27.38 9.90 -5.31
N TYR A 114 27.54 11.12 -5.82
CA TYR A 114 26.45 11.75 -6.55
C TYR A 114 26.05 10.92 -7.75
N GLY A 115 27.02 10.44 -8.51
CA GLY A 115 26.71 9.63 -9.67
C GLY A 115 26.02 8.33 -9.33
N THR A 116 26.39 7.72 -8.20
CA THR A 116 25.73 6.48 -7.80
C THR A 116 24.28 6.75 -7.42
N ALA A 117 24.02 7.82 -6.70
CA ALA A 117 22.64 8.18 -6.39
C ALA A 117 21.83 8.44 -7.65
N MET A 118 22.43 9.12 -8.62
CA MET A 118 21.70 9.41 -9.84
C MET A 118 21.36 8.10 -10.57
N ALA A 119 22.30 7.15 -10.57
CA ALA A 119 22.05 5.87 -11.26
C ALA A 119 21.01 5.03 -10.53
N ALA A 120 20.97 5.09 -9.21
CA ALA A 120 19.89 4.39 -8.50
C ALA A 120 18.55 5.00 -8.84
N TYR A 121 18.49 6.33 -8.90
CA TYR A 121 17.25 7.00 -9.29
C TYR A 121 16.85 6.63 -10.70
N ALA A 122 17.83 6.54 -11.61
CA ALA A 122 17.52 6.15 -12.98
C ALA A 122 17.03 4.72 -13.06
N TYR A 123 17.58 3.84 -12.21
CA TYR A 123 17.07 2.48 -12.17
C TYR A 123 15.62 2.43 -11.71
N PHE A 124 15.28 3.18 -10.66
CA PHE A 124 13.89 3.24 -10.23
C PHE A 124 12.99 3.75 -11.33
N VAL A 125 13.41 4.80 -12.04
CA VAL A 125 12.55 5.37 -13.06
C VAL A 125 12.42 4.43 -14.24
N LEU A 126 13.41 3.57 -14.46
CA LEU A 126 13.31 2.66 -15.60
C LEU A 126 12.51 1.42 -15.26
N THR A 127 12.56 0.95 -14.02
CA THR A 127 11.79 -0.23 -13.66
C THR A 127 10.31 0.09 -13.58
N ARG A 128 9.95 1.32 -13.28
CA ARG A 128 8.55 1.73 -13.26
C ARG A 128 8.26 2.75 -14.35
N VAL A 136 -4.85 -6.71 2.55
CA VAL A 136 -5.29 -5.83 1.48
C VAL A 136 -4.11 -5.58 0.66
N ARG A 137 -2.98 -5.59 1.36
CA ARG A 137 -1.68 -5.53 0.73
C ARG A 137 -1.47 -6.74 -0.17
N ASP A 138 -1.91 -7.92 0.28
CA ASP A 138 -1.82 -9.11 -0.56
C ASP A 138 -2.68 -8.96 -1.80
N ARG A 139 -3.86 -8.36 -1.64
CA ARG A 139 -4.71 -8.11 -2.80
C ARG A 139 -4.03 -7.18 -3.78
N GLN A 140 -3.39 -6.13 -3.28
CA GLN A 140 -2.66 -5.21 -4.15
C GLN A 140 -1.49 -5.91 -4.82
N GLN A 141 -0.75 -6.74 -4.08
CA GLN A 141 0.36 -7.47 -4.68
C GLN A 141 -0.13 -8.40 -5.79
N LEU A 142 -1.24 -9.08 -5.57
CA LEU A 142 -1.75 -10.00 -6.58
C LEU A 142 -2.30 -9.28 -7.80
N LEU A 143 -2.94 -8.12 -7.61
CA LEU A 143 -3.41 -7.36 -8.77
C LEU A 143 -2.25 -6.90 -9.64
N LEU A 144 -1.20 -6.36 -9.01
CA LEU A 144 -0.04 -5.92 -9.78
C LEU A 144 0.67 -7.09 -10.44
N LEU A 145 0.71 -8.24 -9.78
CA LEU A 145 1.35 -9.40 -10.40
C LEU A 145 0.56 -9.88 -11.60
N HIS A 146 -0.76 -9.89 -11.50
CA HIS A 146 -1.58 -10.29 -12.64
C HIS A 146 -1.45 -9.30 -13.78
N LYS A 147 -1.42 -7.99 -13.46
CA LYS A 147 -1.26 -6.97 -14.50
C LYS A 147 0.08 -7.12 -15.21
N LYS A 148 1.15 -7.30 -14.44
CA LYS A 148 2.47 -7.45 -15.03
C LYS A 148 2.58 -8.76 -15.81
N ALA A 149 1.89 -9.81 -15.37
CA ALA A 149 1.93 -11.08 -16.07
C ALA A 149 1.28 -10.97 -17.45
N LYS A 150 -0.02 -10.63 -17.51
CA LYS A 150 -0.89 -10.99 -18.67
C LYS A 150 -0.76 -12.49 -18.99
N LYS A 151 -0.67 -13.29 -17.94
CA LYS A 151 -0.50 -14.74 -18.07
C LYS A 151 -1.84 -15.41 -17.84
N THR A 152 -2.36 -16.06 -18.87
CA THR A 152 -3.64 -16.76 -18.75
C THR A 152 -3.49 -17.96 -17.81
N GLY A 153 -4.62 -18.60 -17.55
CA GLY A 153 -4.68 -19.73 -16.65
C GLY A 153 -4.88 -19.34 -15.20
N PHE A 154 -4.49 -18.12 -14.81
CA PHE A 154 -4.71 -17.61 -13.46
C PHE A 154 -5.44 -16.28 -13.58
N ASP A 155 -6.75 -16.29 -13.35
CA ASP A 155 -7.58 -15.11 -13.43
C ASP A 155 -7.88 -14.68 -12.00
N VAL A 156 -7.29 -13.56 -11.57
CA VAL A 156 -7.24 -13.23 -10.15
C VAL A 156 -8.64 -13.07 -9.57
N ASN A 157 -9.56 -12.47 -10.32
CA ASN A 157 -10.87 -12.24 -9.74
C ASN A 157 -11.62 -13.54 -9.58
N GLN A 158 -11.40 -14.50 -10.47
CA GLN A 158 -12.00 -15.81 -10.30
C GLN A 158 -11.48 -16.47 -9.04
N TYR A 159 -10.17 -16.39 -8.80
CA TYR A 159 -9.62 -16.97 -7.58
C TYR A 159 -10.16 -16.27 -6.34
N ASN A 160 -10.41 -14.96 -6.42
CA ASN A 160 -10.92 -14.25 -5.24
C ASN A 160 -12.34 -14.67 -4.90
N VAL A 161 -13.24 -14.66 -5.88
CA VAL A 161 -14.62 -15.07 -5.60
C VAL A 161 -14.65 -16.52 -5.15
N LEU A 162 -13.70 -17.31 -5.62
CA LEU A 162 -13.65 -18.71 -5.22
C LEU A 162 -13.28 -18.82 -3.75
N LYS A 163 -12.25 -18.09 -3.33
CA LYS A 163 -11.88 -18.10 -1.91
C LYS A 163 -13.03 -17.58 -1.06
N ASP A 164 -13.75 -16.57 -1.54
CA ASP A 164 -14.86 -16.03 -0.76
C ASP A 164 -15.99 -17.03 -0.62
N GLN A 165 -16.35 -17.71 -1.70
CA GLN A 165 -17.39 -18.72 -1.62
C GLN A 165 -16.99 -19.87 -0.70
N ILE A 166 -15.72 -20.27 -0.74
CA ILE A 166 -15.26 -21.37 0.12
C ILE A 166 -15.30 -20.95 1.57
N ALA A 167 -14.85 -19.73 1.88
CA ALA A 167 -14.86 -19.27 3.26
C ALA A 167 -16.27 -19.24 3.81
N LYS A 168 -17.20 -18.67 3.05
CA LYS A 168 -18.59 -18.63 3.50
C LYS A 168 -19.13 -20.03 3.73
N LEU A 169 -18.84 -20.95 2.82
CA LEU A 169 -19.36 -22.30 2.96
C LEU A 169 -18.80 -22.99 4.20
N GLU A 170 -17.51 -22.84 4.44
CA GLU A 170 -16.90 -23.48 5.60
C GLU A 170 -17.42 -22.90 6.89
N LEU A 171 -17.67 -21.60 6.91
CA LEU A 171 -18.24 -20.98 8.10
C LEU A 171 -19.65 -21.51 8.35
N ASP A 172 -20.45 -21.67 7.29
CA ASP A 172 -21.77 -22.26 7.46
C ASP A 172 -21.67 -23.70 7.96
N LEU A 173 -20.64 -24.41 7.53
CA LEU A 173 -20.46 -25.78 8.02
C LEU A 173 -20.12 -25.78 9.51
N LYS A 174 -19.30 -24.83 9.95
CA LYS A 174 -19.01 -24.72 11.37
C LYS A 174 -20.29 -24.44 12.15
N ARG A 175 -21.18 -23.63 11.60
CA ARG A 175 -22.47 -23.41 12.24
C ARG A 175 -23.29 -24.69 12.26
N LEU A 176 -23.29 -25.44 11.16
CA LEU A 176 -24.11 -26.64 11.09
C LEU A 176 -23.65 -27.69 12.09
N ARG A 177 -22.33 -27.93 12.17
CA ARG A 177 -21.84 -28.91 13.12
C ARG A 177 -22.06 -28.46 14.55
N ASP A 178 -21.89 -27.16 14.81
CA ASP A 178 -22.12 -26.56 16.13
C ASP A 178 -21.31 -27.26 17.22
N GLY B 17 -43.05 -7.29 2.28
CA GLY B 17 -42.50 -8.63 2.30
C GLY B 17 -43.22 -9.55 1.34
N LEU B 18 -44.48 -9.22 1.03
CA LEU B 18 -45.23 -10.01 0.07
C LEU B 18 -44.57 -10.02 -1.28
N SER B 19 -44.01 -8.88 -1.70
CA SER B 19 -43.28 -8.85 -2.96
C SER B 19 -42.08 -9.77 -2.95
N ASP B 20 -41.42 -9.91 -1.79
CA ASP B 20 -40.26 -10.79 -1.71
C ASP B 20 -40.64 -12.24 -1.94
N VAL B 21 -41.70 -12.72 -1.28
CA VAL B 21 -42.11 -14.10 -1.48
C VAL B 21 -42.63 -14.29 -2.89
N LYS B 22 -43.25 -13.26 -3.46
CA LYS B 22 -43.62 -13.32 -4.87
C LYS B 22 -42.41 -13.54 -5.74
N THR B 23 -41.30 -12.84 -5.45
CA THR B 23 -40.08 -13.05 -6.23
C THR B 23 -39.55 -14.44 -6.03
N LEU B 24 -39.69 -14.99 -4.83
CA LEU B 24 -39.30 -16.38 -4.62
C LEU B 24 -40.10 -17.30 -5.52
N VAL B 25 -41.41 -17.10 -5.61
CA VAL B 25 -42.25 -17.90 -6.49
C VAL B 25 -41.82 -17.72 -7.94
N ASN B 26 -41.44 -16.49 -8.31
CA ASN B 26 -41.00 -16.25 -9.68
C ASN B 26 -39.74 -17.02 -10.00
N GLN B 27 -38.77 -17.01 -9.09
CA GLN B 27 -37.57 -17.82 -9.29
C GLN B 27 -37.94 -19.29 -9.43
N LEU B 28 -38.79 -19.78 -8.54
CA LEU B 28 -39.25 -21.16 -8.62
C LEU B 28 -39.89 -21.44 -9.98
N TYR B 29 -40.65 -20.49 -10.51
CA TYR B 29 -41.35 -20.73 -11.77
C TYR B 29 -40.38 -20.79 -12.93
N GLU B 30 -39.43 -19.87 -12.99
CA GLU B 30 -38.38 -19.95 -14.00
C GLU B 30 -37.59 -21.24 -13.89
N ALA B 31 -37.41 -21.76 -12.68
CA ALA B 31 -36.71 -23.02 -12.53
C ALA B 31 -37.52 -24.18 -13.12
N LEU B 32 -38.81 -24.26 -12.80
CA LEU B 32 -39.60 -25.40 -13.25
C LEU B 32 -39.87 -25.38 -14.75
N ASN B 33 -39.96 -24.20 -15.37
CA ASN B 33 -40.28 -24.17 -16.79
C ASN B 33 -39.13 -24.65 -17.68
N VAL B 34 -37.97 -24.96 -17.10
CA VAL B 34 -36.80 -25.28 -17.89
C VAL B 34 -37.04 -26.55 -18.71
N ARG B 35 -36.61 -26.51 -19.96
CA ARG B 35 -36.52 -27.68 -20.82
C ARG B 35 -35.07 -27.85 -21.22
N GLU B 36 -34.61 -29.10 -21.29
CA GLU B 36 -33.18 -29.40 -21.38
C GLU B 36 -32.44 -28.68 -20.26
N HIS B 37 -32.72 -29.14 -19.05
CA HIS B 37 -32.37 -28.44 -17.81
C HIS B 37 -30.96 -27.87 -17.84
N GLN B 38 -29.96 -28.71 -18.11
CA GLN B 38 -28.58 -28.25 -18.07
C GLN B 38 -28.12 -27.59 -19.37
N LEU B 39 -28.75 -27.95 -20.50
CA LEU B 39 -28.30 -27.41 -21.78
C LEU B 39 -28.77 -25.97 -21.94
N GLN B 40 -30.09 -25.76 -21.86
CA GLN B 40 -30.63 -24.43 -22.06
C GLN B 40 -30.14 -23.49 -20.97
N LYS B 41 -29.90 -24.01 -19.77
CA LYS B 41 -29.29 -23.19 -18.73
C LYS B 41 -27.88 -22.78 -19.10
N GLU B 42 -27.10 -23.72 -19.64
CA GLU B 42 -25.76 -23.37 -20.12
C GLU B 42 -25.84 -22.30 -21.19
N VAL B 43 -26.82 -22.40 -22.09
CA VAL B 43 -26.96 -21.39 -23.13
C VAL B 43 -27.28 -20.03 -22.50
N GLU B 44 -28.25 -20.01 -21.59
CA GLU B 44 -28.61 -18.75 -20.95
C GLU B 44 -27.43 -18.14 -20.20
N LEU B 45 -26.62 -18.99 -19.56
CA LEU B 45 -25.44 -18.48 -18.86
C LEU B 45 -24.45 -17.87 -19.84
N THR B 46 -24.32 -18.46 -21.03
CA THR B 46 -23.43 -17.88 -22.03
C THR B 46 -23.92 -16.51 -22.47
N THR B 47 -25.23 -16.37 -22.72
CA THR B 47 -25.76 -15.07 -23.07
C THR B 47 -25.55 -14.07 -21.95
N GLN B 48 -25.74 -14.49 -20.70
CA GLN B 48 -25.51 -13.60 -19.59
C GLN B 48 -24.07 -13.15 -19.54
N LEU B 49 -23.15 -14.10 -19.70
CA LEU B 49 -21.73 -13.76 -19.71
C LEU B 49 -21.42 -12.78 -20.83
N GLU B 50 -21.96 -13.03 -22.02
CA GLU B 50 -21.71 -12.13 -23.13
C GLU B 50 -22.26 -10.74 -22.83
N THR B 51 -23.47 -10.67 -22.29
CA THR B 51 -24.06 -9.37 -22.00
C THR B 51 -23.24 -8.60 -20.97
N LEU B 52 -22.87 -9.27 -19.87
CA LEU B 52 -22.10 -8.58 -18.84
C LEU B 52 -20.75 -8.11 -19.38
N GLN B 53 -20.13 -8.90 -20.25
CA GLN B 53 -18.84 -8.47 -20.78
C GLN B 53 -18.99 -7.27 -21.69
N GLN B 54 -19.99 -7.30 -22.57
CA GLN B 54 -20.24 -6.14 -23.43
C GLN B 54 -20.51 -4.90 -22.59
N GLU B 55 -21.15 -5.05 -21.44
CA GLU B 55 -21.34 -3.92 -20.55
C GLU B 55 -20.04 -3.52 -19.89
N LEU B 56 -19.19 -4.50 -19.56
CA LEU B 56 -17.96 -4.20 -18.84
C LEU B 56 -16.97 -3.41 -19.68
N LEU B 57 -16.95 -3.63 -21.00
CA LEU B 57 -15.93 -3.01 -21.86
C LEU B 57 -15.82 -1.50 -21.71
N PRO B 58 -16.91 -0.71 -21.76
CA PRO B 58 -16.75 0.74 -21.60
C PRO B 58 -16.04 1.13 -20.32
N LEU B 59 -16.32 0.45 -19.20
CA LEU B 59 -15.62 0.78 -17.95
C LEU B 59 -14.12 0.53 -18.07
N GLU B 60 -13.73 -0.56 -18.71
CA GLU B 60 -12.30 -0.82 -18.87
C GLU B 60 -11.66 0.23 -19.76
N GLU B 61 -12.37 0.67 -20.79
CA GLU B 61 -11.87 1.77 -21.61
C GLU B 61 -11.59 3.00 -20.75
N LYS B 62 -12.58 3.41 -19.95
CA LYS B 62 -12.38 4.56 -19.08
C LYS B 62 -11.19 4.35 -18.16
N LYS B 63 -11.07 3.16 -17.57
CA LYS B 63 -10.00 2.93 -16.62
C LYS B 63 -8.64 3.00 -17.30
N LEU B 64 -8.51 2.36 -18.46
CA LEU B 64 -7.23 2.38 -19.15
C LEU B 64 -6.87 3.78 -19.61
N GLU B 65 -7.85 4.55 -20.08
CA GLU B 65 -7.57 5.93 -20.46
C GLU B 65 -7.08 6.72 -19.26
N LEU B 66 -7.78 6.62 -18.14
CA LEU B 66 -7.38 7.33 -16.94
C LEU B 66 -6.00 6.90 -16.44
N GLU B 67 -5.73 5.60 -16.47
CA GLU B 67 -4.44 5.12 -15.99
C GLU B 67 -3.30 5.68 -16.81
N GLN B 68 -3.44 5.64 -18.14
CA GLN B 68 -2.40 6.17 -19.01
C GLN B 68 -2.20 7.66 -18.83
N VAL B 69 -3.29 8.43 -18.75
CA VAL B 69 -3.14 9.86 -18.61
C VAL B 69 -2.56 10.21 -17.25
N ALA B 70 -2.60 9.27 -16.30
CA ALA B 70 -1.97 9.48 -15.01
C ALA B 70 -0.59 8.85 -14.92
N ASN B 71 -0.23 7.98 -15.85
CA ASN B 71 1.09 7.38 -15.82
C ASN B 71 2.12 8.20 -16.58
N ARG B 72 1.76 8.71 -17.76
CA ARG B 72 2.71 9.48 -18.54
C ARG B 72 3.15 10.73 -17.79
N ARG B 73 2.25 11.31 -16.98
CA ARG B 73 2.60 12.50 -16.23
C ARG B 73 3.75 12.21 -15.26
N SER B 74 3.62 11.14 -14.48
CA SER B 74 4.68 10.82 -13.53
C SER B 74 5.98 10.46 -14.24
N ASN B 75 5.88 9.76 -15.38
CA ASN B 75 7.09 9.43 -16.12
C ASN B 75 7.81 10.68 -16.58
N TRP B 76 7.08 11.63 -17.18
CA TRP B 76 7.72 12.84 -17.65
C TRP B 76 8.27 13.66 -16.49
N MET B 77 7.55 13.68 -15.37
CA MET B 77 8.04 14.44 -14.23
C MET B 77 9.33 13.84 -13.69
N ALA B 78 9.42 12.52 -13.62
CA ALA B 78 10.64 11.90 -13.13
C ALA B 78 11.81 12.11 -14.10
N TRP B 79 11.56 12.04 -15.41
CA TRP B 79 12.60 12.36 -16.36
C TRP B 79 13.11 13.77 -16.19
N ALA B 80 12.18 14.72 -15.98
CA ALA B 80 12.60 16.10 -15.78
C ALA B 80 13.47 16.22 -14.54
N GLY B 81 13.07 15.56 -13.45
CA GLY B 81 13.89 15.59 -12.25
C GLY B 81 15.28 15.04 -12.49
N LEU B 82 15.38 13.91 -13.18
CA LEU B 82 16.69 13.33 -13.45
C LEU B 82 17.53 14.24 -14.32
N GLY B 83 16.92 14.86 -15.32
CA GLY B 83 17.66 15.79 -16.17
C GLY B 83 18.19 16.97 -15.39
N LEU B 84 17.36 17.53 -14.51
CA LEU B 84 17.81 18.64 -13.69
C LEU B 84 18.96 18.23 -12.78
N MET B 85 18.85 17.06 -12.17
CA MET B 85 19.93 16.60 -11.30
C MET B 85 21.22 16.42 -12.07
N SER B 86 21.14 15.90 -13.29
CA SER B 86 22.34 15.75 -14.10
C SER B 86 22.92 17.11 -14.45
N VAL B 87 22.06 18.09 -14.72
CA VAL B 87 22.55 19.43 -15.02
C VAL B 87 23.34 19.99 -13.85
N GLN B 88 22.80 19.83 -12.64
CA GLN B 88 23.52 20.29 -11.45
C GLN B 88 24.84 19.55 -11.29
N PHE B 89 24.84 18.25 -11.53
CA PHE B 89 26.07 17.48 -11.46
C PHE B 89 27.12 18.07 -12.38
N GLY B 90 26.74 18.32 -13.64
CA GLY B 90 27.67 18.87 -14.60
C GLY B 90 28.18 20.23 -14.16
N ILE B 91 27.29 21.06 -13.63
CA ILE B 91 27.69 22.39 -13.19
C ILE B 91 28.77 22.29 -12.13
N LEU B 92 28.53 21.43 -11.14
CA LEU B 92 29.47 21.30 -10.03
C LEU B 92 30.80 20.72 -10.47
N ALA B 93 30.77 19.74 -11.38
CA ALA B 93 32.01 19.15 -11.83
C ALA B 93 32.86 20.14 -12.60
N ARG B 94 32.26 20.94 -13.45
CA ARG B 94 33.05 21.89 -14.22
C ARG B 94 33.61 22.98 -13.33
N LEU B 95 32.81 23.48 -12.38
CA LEU B 95 33.32 24.51 -11.50
C LEU B 95 34.37 23.99 -10.54
N THR B 96 34.33 22.71 -10.21
CA THR B 96 35.28 22.18 -9.24
C THR B 96 36.62 21.80 -9.87
N TRP B 97 36.61 21.21 -11.06
CA TRP B 97 37.83 20.62 -11.59
C TRP B 97 38.58 21.48 -12.59
N TRP B 98 37.95 22.50 -13.16
CA TRP B 98 38.63 23.31 -14.16
C TRP B 98 38.83 24.75 -13.69
N GLU B 99 37.76 25.42 -13.32
CA GLU B 99 37.87 26.84 -13.00
C GLU B 99 38.44 27.09 -11.63
N TYR B 100 38.01 26.34 -10.63
CA TYR B 100 38.43 26.60 -9.26
C TYR B 100 39.06 25.33 -8.68
N SER B 101 39.29 25.35 -7.39
CA SER B 101 39.81 24.19 -6.69
C SER B 101 38.74 23.66 -5.74
N TRP B 102 38.96 22.44 -5.25
CA TRP B 102 37.99 21.87 -4.35
C TRP B 102 38.02 22.56 -2.99
N ASP B 103 39.16 23.12 -2.61
CA ASP B 103 39.26 23.85 -1.35
C ASP B 103 38.27 25.01 -1.27
N ILE B 104 38.04 25.69 -2.40
CA ILE B 104 37.15 26.84 -2.39
C ILE B 104 35.71 26.49 -2.75
N MET B 105 35.47 25.31 -3.30
CA MET B 105 34.13 24.92 -3.70
C MET B 105 33.55 23.83 -2.81
N GLU B 106 34.05 23.69 -1.61
CA GLU B 106 33.43 22.70 -0.75
C GLU B 106 32.13 23.24 -0.15
N PRO B 107 32.11 24.41 0.49
CA PRO B 107 30.83 24.86 1.05
C PRO B 107 29.78 25.12 0.00
N VAL B 108 30.19 25.52 -1.21
CA VAL B 108 29.21 25.78 -2.24
C VAL B 108 28.50 24.50 -2.64
N THR B 109 29.25 23.43 -2.84
CA THR B 109 28.60 22.17 -3.21
C THR B 109 27.74 21.61 -2.08
N TYR B 110 28.21 21.71 -0.84
CA TYR B 110 27.40 21.20 0.25
C TYR B 110 26.06 21.94 0.33
N PHE B 111 26.10 23.27 0.24
CA PHE B 111 24.87 24.03 0.38
C PHE B 111 23.99 23.95 -0.85
N VAL B 112 24.57 23.73 -2.03
CA VAL B 112 23.75 23.52 -3.21
C VAL B 112 23.03 22.19 -3.11
N THR B 113 23.69 21.17 -2.60
CA THR B 113 23.02 19.90 -2.39
C THR B 113 21.91 20.03 -1.35
N TYR B 114 22.20 20.73 -0.26
CA TYR B 114 21.16 21.02 0.73
C TYR B 114 19.97 21.71 0.10
N GLY B 115 20.23 22.73 -0.72
CA GLY B 115 19.15 23.46 -1.35
C GLY B 115 18.34 22.60 -2.29
N THR B 116 19.01 21.73 -3.05
CA THR B 116 18.29 20.85 -3.96
C THR B 116 17.38 19.90 -3.19
N ALA B 117 17.89 19.31 -2.11
CA ALA B 117 17.06 18.41 -1.32
C ALA B 117 15.88 19.16 -0.70
N MET B 118 16.12 20.34 -0.16
CA MET B 118 15.03 21.11 0.43
C MET B 118 14.00 21.48 -0.62
N ALA B 119 14.43 21.79 -1.84
CA ALA B 119 13.48 22.14 -2.89
C ALA B 119 12.67 20.93 -3.32
N ALA B 120 13.29 19.75 -3.37
CA ALA B 120 12.55 18.55 -3.71
C ALA B 120 11.48 18.27 -2.66
N TYR B 121 11.84 18.36 -1.39
CA TYR B 121 10.85 18.12 -0.34
C TYR B 121 9.77 19.19 -0.37
N ALA B 122 10.13 20.43 -0.70
CA ALA B 122 9.12 21.48 -0.80
C ALA B 122 8.17 21.23 -1.96
N TYR B 123 8.68 20.77 -3.09
CA TYR B 123 7.80 20.42 -4.20
C TYR B 123 6.85 19.30 -3.80
N PHE B 124 7.36 18.28 -3.10
CA PHE B 124 6.49 17.18 -2.67
C PHE B 124 5.38 17.68 -1.75
N VAL B 125 5.73 18.47 -0.73
CA VAL B 125 4.71 18.94 0.19
C VAL B 125 3.72 19.85 -0.53
N LEU B 126 4.16 20.60 -1.53
CA LEU B 126 3.25 21.50 -2.21
C LEU B 126 2.25 20.74 -3.07
N THR B 127 2.71 19.74 -3.82
CA THR B 127 1.77 18.94 -4.59
C THR B 127 0.84 18.14 -3.69
N ARG B 128 1.33 17.67 -2.54
CA ARG B 128 0.47 16.96 -1.62
C ARG B 128 -0.63 17.87 -1.08
N GLU B 129 -0.25 19.07 -0.61
CA GLU B 129 -1.22 19.99 -0.06
C GLU B 129 -2.25 20.41 -1.11
N GLU B 130 -1.78 20.73 -2.32
CA GLU B 130 -2.69 21.12 -3.39
C GLU B 130 -3.64 19.99 -3.73
N TYR B 131 -3.11 18.75 -3.80
CA TYR B 131 -3.94 17.62 -4.16
C TYR B 131 -5.02 17.35 -3.11
N ILE B 132 -4.66 17.39 -1.83
CA ILE B 132 -5.66 17.08 -0.80
C ILE B 132 -6.70 18.18 -0.72
N LEU B 133 -6.26 19.44 -0.86
CA LEU B 133 -7.21 20.56 -0.85
C LEU B 133 -8.20 20.44 -1.99
N ASN B 134 -7.70 20.19 -3.20
CA ASN B 134 -8.59 20.07 -4.34
C ASN B 134 -9.55 18.90 -4.17
N ASP B 135 -9.05 17.78 -3.64
CA ASP B 135 -9.89 16.60 -3.46
C ASP B 135 -10.98 16.82 -2.42
N VAL B 136 -10.63 17.42 -1.27
CA VAL B 136 -11.64 17.66 -0.24
C VAL B 136 -12.66 18.67 -0.73
N ARG B 137 -12.22 19.70 -1.44
CA ARG B 137 -13.15 20.69 -1.97
C ARG B 137 -14.11 20.06 -2.98
N ASP B 138 -13.59 19.21 -3.86
CA ASP B 138 -14.46 18.56 -4.84
C ASP B 138 -15.42 17.60 -4.15
N ARG B 139 -14.96 16.90 -3.12
CA ARG B 139 -15.84 15.98 -2.39
C ARG B 139 -16.93 16.74 -1.65
N GLN B 140 -16.58 17.87 -1.04
CA GLN B 140 -17.60 18.67 -0.35
C GLN B 140 -18.58 19.27 -1.34
N GLN B 141 -18.10 19.70 -2.50
CA GLN B 141 -19.00 20.27 -3.51
C GLN B 141 -19.92 19.21 -4.10
N LEU B 142 -19.41 17.99 -4.25
CA LEU B 142 -20.20 16.90 -4.81
C LEU B 142 -21.06 16.25 -3.73
N PHE B 154 -16.22 7.71 -13.75
CA PHE B 154 -15.82 6.32 -13.62
C PHE B 154 -16.09 5.79 -12.22
N ASP B 155 -17.31 5.33 -12.00
CA ASP B 155 -17.68 4.75 -10.71
C ASP B 155 -16.96 3.43 -10.53
N VAL B 156 -15.91 3.44 -9.71
CA VAL B 156 -15.05 2.26 -9.61
C VAL B 156 -15.80 1.11 -8.98
N ASN B 157 -16.81 1.40 -8.17
CA ASN B 157 -17.45 0.33 -7.42
C ASN B 157 -18.42 -0.48 -8.26
N GLN B 158 -19.06 0.12 -9.25
CA GLN B 158 -19.87 -0.68 -10.14
C GLN B 158 -19.02 -1.48 -11.10
N TYR B 159 -17.86 -0.93 -11.50
CA TYR B 159 -16.91 -1.73 -12.23
C TYR B 159 -16.47 -2.94 -11.41
N ASN B 160 -16.26 -2.74 -10.12
CA ASN B 160 -15.73 -3.82 -9.30
C ASN B 160 -16.76 -4.92 -9.10
N VAL B 161 -18.00 -4.55 -8.79
CA VAL B 161 -19.04 -5.56 -8.65
C VAL B 161 -19.33 -6.23 -10.00
N LEU B 162 -19.07 -5.53 -11.10
CA LEU B 162 -19.22 -6.16 -12.40
C LEU B 162 -18.19 -7.25 -12.62
N LYS B 163 -16.93 -6.96 -12.31
CA LYS B 163 -15.89 -7.97 -12.38
C LYS B 163 -16.23 -9.17 -11.51
N ASP B 164 -16.65 -8.91 -10.28
CA ASP B 164 -16.93 -10.01 -9.36
C ASP B 164 -18.09 -10.85 -9.84
N GLN B 165 -19.15 -10.22 -10.32
CA GLN B 165 -20.30 -10.98 -10.78
C GLN B 165 -19.97 -11.78 -12.04
N ILE B 166 -19.23 -11.17 -12.97
CA ILE B 166 -18.90 -11.88 -14.21
C ILE B 166 -17.95 -13.03 -13.92
N ALA B 167 -17.07 -12.89 -12.93
CA ALA B 167 -16.19 -13.98 -12.58
C ALA B 167 -16.97 -15.15 -11.99
N LYS B 168 -17.87 -14.85 -11.06
CA LYS B 168 -18.72 -15.91 -10.50
C LYS B 168 -19.50 -16.62 -11.59
N LEU B 169 -19.95 -15.87 -12.60
CA LEU B 169 -20.72 -16.50 -13.66
C LEU B 169 -19.83 -17.39 -14.52
N GLU B 170 -18.64 -16.92 -14.89
CA GLU B 170 -17.72 -17.75 -15.64
C GLU B 170 -17.35 -19.00 -14.86
N LEU B 171 -17.21 -18.87 -13.54
CA LEU B 171 -16.88 -20.03 -12.73
C LEU B 171 -18.03 -21.04 -12.70
N ASP B 172 -19.26 -20.54 -12.59
CA ASP B 172 -20.41 -21.42 -12.63
C ASP B 172 -20.51 -22.12 -13.98
N LEU B 173 -20.17 -21.41 -15.05
CA LEU B 173 -20.19 -22.02 -16.38
C LEU B 173 -19.18 -23.14 -16.49
N LYS B 174 -17.96 -22.93 -15.98
CA LYS B 174 -16.96 -23.97 -15.97
C LYS B 174 -17.46 -25.20 -15.22
N ARG B 175 -17.95 -25.00 -14.00
CA ARG B 175 -18.45 -26.12 -13.22
C ARG B 175 -19.57 -26.84 -13.95
N LEU B 176 -20.36 -26.11 -14.74
CA LEU B 176 -21.42 -26.74 -15.52
C LEU B 176 -20.86 -27.49 -16.71
N ARG B 177 -19.73 -27.05 -17.25
CA ARG B 177 -19.19 -27.68 -18.45
C ARG B 177 -18.83 -29.14 -18.20
N ASP B 178 -18.14 -29.42 -17.11
CA ASP B 178 -17.76 -30.79 -16.78
C ASP B 178 -17.80 -31.03 -15.28
N ASP C 20 -49.05 -31.91 -11.69
CA ASP C 20 -49.41 -31.98 -10.28
C ASP C 20 -48.90 -30.75 -9.53
N VAL C 21 -47.77 -30.90 -8.84
CA VAL C 21 -47.19 -29.77 -8.13
C VAL C 21 -46.84 -28.66 -9.09
N LYS C 22 -46.52 -29.00 -10.34
CA LYS C 22 -46.28 -27.98 -11.36
C LYS C 22 -47.55 -27.19 -11.62
N THR C 23 -48.67 -27.88 -11.74
CA THR C 23 -49.95 -27.18 -11.87
C THR C 23 -50.26 -26.38 -10.62
N LEU C 24 -49.83 -26.86 -9.45
CA LEU C 24 -50.04 -26.09 -8.22
C LEU C 24 -49.29 -24.76 -8.26
N VAL C 25 -47.99 -24.79 -8.62
CA VAL C 25 -47.24 -23.54 -8.67
C VAL C 25 -47.68 -22.67 -9.82
N ASN C 26 -48.27 -23.27 -10.85
CA ASN C 26 -48.86 -22.46 -11.90
C ASN C 26 -50.08 -21.72 -11.38
N GLN C 27 -50.95 -22.42 -10.63
CA GLN C 27 -52.09 -21.77 -10.00
C GLN C 27 -51.64 -20.72 -9.00
N LEU C 28 -50.60 -21.02 -8.23
CA LEU C 28 -50.07 -20.02 -7.30
C LEU C 28 -49.44 -18.85 -8.04
N TYR C 29 -48.82 -19.11 -9.19
CA TYR C 29 -48.26 -18.02 -10.00
C TYR C 29 -49.36 -17.09 -10.44
N GLU C 30 -50.46 -17.65 -10.97
CA GLU C 30 -51.60 -16.85 -11.35
C GLU C 30 -52.20 -16.15 -10.13
N ALA C 31 -52.13 -16.79 -8.96
CA ALA C 31 -52.73 -16.20 -7.77
C ALA C 31 -51.90 -15.03 -7.24
N LEU C 32 -50.67 -15.28 -6.82
CA LEU C 32 -49.87 -14.25 -6.17
C LEU C 32 -48.96 -13.49 -7.13
N ASN C 33 -48.20 -14.20 -7.97
CA ASN C 33 -47.30 -13.58 -8.94
C ASN C 33 -48.15 -13.06 -10.11
N VAL C 34 -48.92 -12.01 -9.80
CA VAL C 34 -49.91 -11.43 -10.70
C VAL C 34 -49.34 -11.15 -12.10
N ARG C 35 -48.01 -11.07 -12.19
CA ARG C 35 -47.26 -10.82 -13.42
C ARG C 35 -47.35 -9.36 -13.83
N GLU C 36 -47.96 -8.53 -13.00
CA GLU C 36 -47.87 -7.09 -13.14
C GLU C 36 -46.63 -6.54 -12.45
N HIS C 37 -45.71 -7.42 -12.08
CA HIS C 37 -44.53 -7.05 -11.30
C HIS C 37 -43.39 -6.53 -12.15
N GLN C 38 -43.56 -6.38 -13.46
CA GLN C 38 -42.50 -5.80 -14.27
C GLN C 38 -42.37 -4.31 -14.00
N LEU C 39 -43.43 -3.55 -14.28
CA LEU C 39 -43.42 -2.12 -14.00
C LEU C 39 -43.34 -1.87 -12.50
N GLN C 40 -43.97 -2.73 -11.70
CA GLN C 40 -43.85 -2.62 -10.25
C GLN C 40 -42.40 -2.77 -9.82
N LYS C 41 -41.66 -3.68 -10.47
CA LYS C 41 -40.26 -3.85 -10.13
C LYS C 41 -39.44 -2.63 -10.53
N GLU C 42 -39.73 -2.06 -11.70
CA GLU C 42 -39.03 -0.84 -12.11
C GLU C 42 -39.21 0.26 -11.09
N VAL C 43 -40.45 0.53 -10.70
CA VAL C 43 -40.68 1.62 -9.76
C VAL C 43 -40.19 1.27 -8.38
N GLU C 44 -40.25 0.00 -7.99
CA GLU C 44 -39.74 -0.39 -6.67
C GLU C 44 -38.24 -0.21 -6.62
N LEU C 45 -37.56 -0.49 -7.72
CA LEU C 45 -36.10 -0.36 -7.74
C LEU C 45 -35.68 1.10 -7.77
N THR C 46 -36.32 1.92 -8.61
CA THR C 46 -35.95 3.33 -8.66
C THR C 46 -36.28 4.07 -7.37
N THR C 47 -37.05 3.46 -6.46
CA THR C 47 -37.23 4.03 -5.14
C THR C 47 -36.33 3.39 -4.11
N GLN C 48 -36.05 2.09 -4.26
CA GLN C 48 -35.09 1.46 -3.37
C GLN C 48 -33.73 2.13 -3.48
N LEU C 49 -33.37 2.56 -4.68
CA LEU C 49 -32.07 3.22 -4.87
C LEU C 49 -32.02 4.54 -4.11
N GLU C 50 -33.07 5.35 -4.21
CA GLU C 50 -33.11 6.60 -3.46
C GLU C 50 -33.07 6.33 -1.97
N THR C 51 -33.81 5.33 -1.51
CA THR C 51 -33.81 4.99 -0.10
C THR C 51 -32.42 4.64 0.38
N LEU C 52 -31.71 3.80 -0.36
CA LEU C 52 -30.38 3.38 0.08
C LEU C 52 -29.40 4.55 0.04
N GLN C 53 -29.51 5.42 -0.96
CA GLN C 53 -28.62 6.56 -1.01
C GLN C 53 -28.87 7.50 0.17
N GLN C 54 -30.13 7.71 0.52
CA GLN C 54 -30.44 8.54 1.69
C GLN C 54 -29.89 7.91 2.96
N GLU C 55 -29.85 6.58 3.01
CA GLU C 55 -29.23 5.91 4.14
C GLU C 55 -27.73 6.13 4.14
N LEU C 56 -27.10 6.10 2.97
CA LEU C 56 -25.65 6.16 2.93
C LEU C 56 -25.09 7.52 3.34
N LEU C 57 -25.81 8.60 3.03
CA LEU C 57 -25.27 9.95 3.17
C LEU C 57 -24.56 10.22 4.49
N PRO C 58 -25.16 9.97 5.66
CA PRO C 58 -24.45 10.29 6.90
C PRO C 58 -23.09 9.63 7.01
N LEU C 59 -22.96 8.41 6.49
CA LEU C 59 -21.67 7.74 6.56
C LEU C 59 -20.62 8.50 5.77
N GLU C 60 -21.00 9.03 4.60
CA GLU C 60 -20.06 9.81 3.81
C GLU C 60 -19.69 11.11 4.52
N GLU C 61 -20.64 11.75 5.18
CA GLU C 61 -20.32 12.96 5.92
C GLU C 61 -19.32 12.67 7.03
N LYS C 62 -19.55 11.62 7.80
CA LYS C 62 -18.62 11.26 8.86
C LYS C 62 -17.23 10.96 8.30
N LYS C 63 -17.16 10.17 7.22
CA LYS C 63 -15.87 9.85 6.64
C LYS C 63 -15.15 11.10 6.14
N LEU C 64 -15.88 11.96 5.44
CA LEU C 64 -15.26 13.18 4.91
C LEU C 64 -14.72 14.05 6.03
N GLU C 65 -15.51 14.23 7.09
CA GLU C 65 -15.05 15.05 8.21
C GLU C 65 -13.81 14.43 8.84
N LEU C 66 -13.84 13.12 9.09
CA LEU C 66 -12.70 12.45 9.70
C LEU C 66 -11.46 12.57 8.84
N GLU C 67 -11.62 12.38 7.53
CA GLU C 67 -10.45 12.38 6.67
C GLU C 67 -9.86 13.77 6.54
N GLN C 68 -10.71 14.80 6.51
CA GLN C 68 -10.21 16.16 6.44
C GLN C 68 -9.49 16.55 7.72
N VAL C 69 -9.98 16.09 8.87
CA VAL C 69 -9.32 16.39 10.14
C VAL C 69 -7.96 15.70 10.22
N ALA C 70 -7.86 14.50 9.66
CA ALA C 70 -6.58 13.83 9.66
C ALA C 70 -5.66 14.33 8.55
N ASN C 71 -6.17 15.14 7.64
CA ASN C 71 -5.32 15.71 6.61
C ASN C 71 -4.76 17.06 7.02
N ARG C 72 -5.55 17.87 7.74
CA ARG C 72 -5.04 19.12 8.30
C ARG C 72 -3.75 18.87 9.07
N ARG C 73 -3.77 17.85 9.93
CA ARG C 73 -2.61 17.57 10.76
C ARG C 73 -1.38 17.26 9.92
N SER C 74 -1.54 16.42 8.89
CA SER C 74 -0.40 16.08 8.05
C SER C 74 0.18 17.31 7.36
N ASN C 75 -0.69 18.15 6.80
CA ASN C 75 -0.21 19.37 6.15
C ASN C 75 0.56 20.25 7.12
N TRP C 76 -0.02 20.48 8.30
CA TRP C 76 0.64 21.35 9.27
C TRP C 76 2.00 20.80 9.67
N MET C 77 2.09 19.49 9.89
CA MET C 77 3.36 18.91 10.33
C MET C 77 4.40 18.97 9.22
N ALA C 78 3.99 18.76 7.98
CA ALA C 78 4.96 18.85 6.90
C ALA C 78 5.46 20.27 6.70
N TRP C 79 4.59 21.26 6.88
CA TRP C 79 5.03 22.65 6.79
C TRP C 79 6.03 22.98 7.89
N ALA C 80 5.75 22.53 9.11
CA ALA C 80 6.70 22.75 10.20
C ALA C 80 8.04 22.08 9.90
N GLY C 81 8.01 20.90 9.29
CA GLY C 81 9.26 20.25 8.92
C GLY C 81 10.07 21.08 7.95
N LEU C 82 9.41 21.61 6.92
CA LEU C 82 10.12 22.46 5.96
C LEU C 82 10.66 23.70 6.63
N GLY C 83 9.89 24.30 7.54
CA GLY C 83 10.38 25.47 8.24
C GLY C 83 11.64 25.18 9.03
N LEU C 84 11.63 24.07 9.76
CA LEU C 84 12.81 23.70 10.54
C LEU C 84 14.00 23.39 9.64
N MET C 85 13.76 22.74 8.51
CA MET C 85 14.84 22.51 7.55
C MET C 85 15.48 23.82 7.10
N SER C 86 14.65 24.79 6.73
CA SER C 86 15.18 26.06 6.22
C SER C 86 15.90 26.85 7.30
N VAL C 87 15.39 26.81 8.53
CA VAL C 87 16.07 27.55 9.60
C VAL C 87 17.46 27.00 9.83
N GLN C 88 17.59 25.67 9.84
CA GLN C 88 18.91 25.07 10.02
C GLN C 88 19.84 25.45 8.89
N PHE C 89 19.35 25.39 7.65
CA PHE C 89 20.16 25.82 6.52
C PHE C 89 20.63 27.25 6.72
N GLY C 90 19.74 28.12 7.16
CA GLY C 90 20.12 29.50 7.40
C GLY C 90 21.25 29.61 8.39
N ILE C 91 21.11 28.95 9.54
CA ILE C 91 22.12 29.05 10.58
C ILE C 91 23.47 28.57 10.06
N LEU C 92 23.49 27.43 9.36
CA LEU C 92 24.76 26.90 8.86
C LEU C 92 25.39 27.88 7.88
N ALA C 93 24.58 28.45 6.99
CA ALA C 93 25.12 29.37 6.00
C ALA C 93 25.76 30.58 6.66
N ARG C 94 25.07 31.18 7.64
CA ARG C 94 25.59 32.39 8.27
C ARG C 94 26.93 32.12 8.94
N LEU C 95 27.04 31.04 9.69
CA LEU C 95 28.32 30.73 10.34
C LEU C 95 29.40 30.36 9.33
N THR C 96 29.04 29.60 8.29
CA THR C 96 30.04 29.13 7.35
C THR C 96 30.58 30.25 6.45
N TRP C 97 30.01 31.46 6.47
CA TRP C 97 30.52 32.53 5.63
C TRP C 97 30.73 33.84 6.34
N TRP C 98 30.15 34.05 7.52
CA TRP C 98 30.27 35.33 8.20
C TRP C 98 31.04 35.23 9.50
N GLU C 99 30.61 34.37 10.42
CA GLU C 99 31.18 34.35 11.76
C GLU C 99 32.41 33.45 11.89
N TYR C 100 32.53 32.43 11.08
CA TYR C 100 33.65 31.51 11.13
C TYR C 100 34.17 31.26 9.73
N SER C 101 35.20 30.44 9.63
CA SER C 101 35.71 30.00 8.35
C SER C 101 35.20 28.61 8.04
N TRP C 102 35.38 28.18 6.80
CA TRP C 102 34.88 26.87 6.42
C TRP C 102 35.64 25.76 7.13
N ASP C 103 36.93 25.97 7.41
CA ASP C 103 37.73 24.93 8.04
C ASP C 103 37.14 24.50 9.36
N ILE C 104 36.84 25.45 10.25
CA ILE C 104 36.35 25.10 11.57
C ILE C 104 34.91 24.62 11.52
N MET C 105 34.18 24.88 10.45
CA MET C 105 32.77 24.54 10.39
C MET C 105 32.50 23.36 9.46
N GLU C 106 33.51 22.56 9.16
CA GLU C 106 33.20 21.33 8.45
C GLU C 106 32.72 20.25 9.42
N PRO C 107 33.41 20.00 10.54
CA PRO C 107 32.91 18.97 11.44
C PRO C 107 31.59 19.34 12.09
N VAL C 108 31.36 20.62 12.36
CA VAL C 108 30.07 20.99 12.94
C VAL C 108 28.97 20.77 11.92
N THR C 109 29.25 21.07 10.65
CA THR C 109 28.28 20.84 9.59
C THR C 109 27.94 19.36 9.46
N TYR C 110 28.95 18.51 9.42
CA TYR C 110 28.66 17.09 9.29
C TYR C 110 27.86 16.57 10.48
N PHE C 111 28.23 16.98 11.69
CA PHE C 111 27.55 16.44 12.86
C PHE C 111 26.17 17.04 13.02
N VAL C 112 25.94 18.23 12.50
CA VAL C 112 24.58 18.77 12.51
C VAL C 112 23.71 18.00 11.54
N THR C 113 24.26 17.62 10.38
CA THR C 113 23.51 16.79 9.46
C THR C 113 23.21 15.43 10.07
N TYR C 114 24.17 14.84 10.76
CA TYR C 114 23.92 13.58 11.43
C TYR C 114 22.82 13.72 12.47
N GLY C 115 22.87 14.80 13.25
CA GLY C 115 21.84 15.00 14.26
C GLY C 115 20.47 15.23 13.67
N THR C 116 20.39 15.92 12.53
CA THR C 116 19.10 16.10 11.88
C THR C 116 18.55 14.77 11.40
N ALA C 117 19.39 13.91 10.82
CA ALA C 117 18.93 12.60 10.39
C ALA C 117 18.43 11.78 11.57
N MET C 118 19.17 11.79 12.68
CA MET C 118 18.73 11.04 13.85
C MET C 118 17.40 11.57 14.38
N ALA C 119 17.21 12.89 14.36
CA ALA C 119 15.95 13.43 14.83
C ALA C 119 14.80 13.08 13.92
N ALA C 120 15.01 13.15 12.60
CA ALA C 120 13.97 12.75 11.67
C ALA C 120 13.60 11.29 11.85
N TYR C 121 14.59 10.44 12.09
CA TYR C 121 14.31 9.03 12.29
C TYR C 121 13.56 8.81 13.60
N ALA C 122 13.93 9.55 14.65
CA ALA C 122 13.22 9.45 15.91
C ALA C 122 11.77 9.91 15.76
N TYR C 123 11.51 10.88 14.88
CA TYR C 123 10.14 11.29 14.64
C TYR C 123 9.36 10.21 13.90
N PHE C 124 9.94 9.63 12.85
CA PHE C 124 9.26 8.58 12.12
C PHE C 124 9.15 7.30 12.93
N VAL C 125 9.79 7.22 14.09
CA VAL C 125 9.62 6.04 14.95
C VAL C 125 8.59 6.36 16.02
N LEU C 126 8.47 7.63 16.42
CA LEU C 126 7.49 7.95 17.44
C LEU C 126 6.09 8.13 16.87
N THR C 127 5.98 8.44 15.57
CA THR C 127 4.66 8.44 14.95
C THR C 127 4.07 7.03 14.90
N ARG C 128 4.90 6.02 14.65
CA ARG C 128 4.43 4.65 14.58
C ARG C 128 5.04 3.82 15.71
N VAL C 136 -7.84 -0.66 -3.67
CA VAL C 136 -7.47 -1.39 -2.46
C VAL C 136 -6.51 -0.58 -1.60
N ARG C 137 -5.73 0.29 -2.24
CA ARG C 137 -4.86 1.19 -1.49
C ARG C 137 -5.70 2.16 -0.66
N ASP C 138 -6.73 2.76 -1.26
CA ASP C 138 -7.61 3.65 -0.53
C ASP C 138 -8.36 2.91 0.57
N ARG C 139 -8.76 1.67 0.29
CA ARG C 139 -9.46 0.89 1.32
C ARG C 139 -8.54 0.58 2.49
N GLN C 140 -7.28 0.23 2.21
CA GLN C 140 -6.33 0.04 3.29
C GLN C 140 -6.12 1.32 4.08
N GLN C 141 -6.00 2.46 3.40
CA GLN C 141 -5.81 3.73 4.09
C GLN C 141 -6.98 4.04 5.00
N LEU C 142 -8.20 3.85 4.50
CA LEU C 142 -9.38 4.11 5.30
C LEU C 142 -9.45 3.18 6.52
N LEU C 143 -9.11 1.90 6.32
CA LEU C 143 -9.13 0.95 7.42
C LEU C 143 -8.12 1.32 8.51
N LEU C 144 -6.92 1.74 8.11
CA LEU C 144 -5.91 2.14 9.09
C LEU C 144 -6.35 3.39 9.82
N LEU C 145 -6.90 4.35 9.09
CA LEU C 145 -7.38 5.58 9.70
C LEU C 145 -8.48 5.29 10.71
N HIS C 146 -9.40 4.37 10.39
CA HIS C 146 -10.46 4.02 11.33
C HIS C 146 -9.91 3.31 12.56
N LYS C 147 -8.96 2.39 12.36
CA LYS C 147 -8.38 1.67 13.49
C LYS C 147 -7.62 2.61 14.41
N LYS C 148 -6.91 3.58 13.84
CA LYS C 148 -6.14 4.51 14.67
C LYS C 148 -7.05 5.46 15.43
N ALA C 149 -8.02 6.06 14.72
CA ALA C 149 -8.86 7.08 15.34
C ALA C 149 -10.01 6.46 16.11
N LYS C 150 -10.68 5.40 15.61
CA LYS C 150 -11.58 4.52 16.41
C LYS C 150 -12.72 5.33 17.06
N LYS C 151 -13.32 6.21 16.28
CA LYS C 151 -14.40 7.06 16.75
C LYS C 151 -15.74 6.47 16.34
N THR C 152 -16.68 6.45 17.27
CA THR C 152 -17.99 5.90 16.98
C THR C 152 -18.72 6.78 15.97
N GLY C 153 -19.81 6.24 15.42
CA GLY C 153 -20.58 6.95 14.42
C GLY C 153 -20.20 6.63 13.00
N PHE C 154 -19.09 5.94 12.78
CA PHE C 154 -18.65 5.57 11.44
C PHE C 154 -18.02 4.19 11.51
N ASP C 155 -18.63 3.22 10.85
CA ASP C 155 -18.11 1.87 10.75
C ASP C 155 -17.75 1.60 9.31
N VAL C 156 -16.45 1.37 9.04
CA VAL C 156 -16.02 1.20 7.66
C VAL C 156 -16.69 0.00 7.01
N ASN C 157 -17.01 -1.03 7.79
CA ASN C 157 -17.60 -2.23 7.21
C ASN C 157 -18.99 -1.96 6.70
N GLN C 158 -19.86 -1.39 7.55
CA GLN C 158 -21.20 -1.07 7.10
C GLN C 158 -21.16 -0.11 5.93
N TYR C 159 -20.20 0.80 5.92
CA TYR C 159 -20.08 1.71 4.80
C TYR C 159 -19.71 0.99 3.52
N ASN C 160 -18.78 0.04 3.60
CA ASN C 160 -18.40 -0.70 2.40
C ASN C 160 -19.54 -1.55 1.87
N VAL C 161 -20.21 -2.29 2.76
CA VAL C 161 -21.29 -3.15 2.29
C VAL C 161 -22.42 -2.32 1.72
N LEU C 162 -22.63 -1.12 2.25
CA LEU C 162 -23.69 -0.27 1.71
C LEU C 162 -23.29 0.28 0.36
N LYS C 163 -22.03 0.67 0.20
CA LYS C 163 -21.54 1.10 -1.10
C LYS C 163 -21.70 0.00 -2.14
N ASP C 164 -21.38 -1.24 -1.77
CA ASP C 164 -21.44 -2.31 -2.74
C ASP C 164 -22.87 -2.67 -3.10
N GLN C 165 -23.78 -2.64 -2.12
CA GLN C 165 -25.17 -2.94 -2.41
C GLN C 165 -25.80 -1.89 -3.29
N ILE C 166 -25.50 -0.61 -3.04
CA ILE C 166 -26.08 0.44 -3.86
C ILE C 166 -25.46 0.41 -5.24
N ALA C 167 -24.20 0.02 -5.37
CA ALA C 167 -23.60 -0.12 -6.67
C ALA C 167 -24.32 -1.17 -7.50
N LYS C 168 -24.48 -2.36 -6.95
CA LYS C 168 -25.21 -3.41 -7.67
C LYS C 168 -26.61 -2.98 -8.04
N LEU C 169 -27.26 -2.17 -7.21
CA LEU C 169 -28.61 -1.75 -7.56
C LEU C 169 -28.62 -0.76 -8.72
N GLU C 170 -27.73 0.23 -8.70
CA GLU C 170 -27.60 1.14 -9.83
C GLU C 170 -27.33 0.37 -11.12
N LEU C 171 -26.47 -0.63 -11.04
CA LEU C 171 -26.13 -1.41 -12.22
C LEU C 171 -27.34 -2.16 -12.75
N ASP C 172 -28.09 -2.81 -11.85
CA ASP C 172 -29.29 -3.52 -12.26
C ASP C 172 -30.30 -2.55 -12.87
N LEU C 173 -30.35 -1.33 -12.33
CA LEU C 173 -31.27 -0.34 -12.86
C LEU C 173 -30.86 0.07 -14.27
N LYS C 174 -29.55 0.15 -14.52
CA LYS C 174 -29.09 0.44 -15.88
C LYS C 174 -29.51 -0.65 -16.83
N ARG C 175 -29.40 -1.92 -16.43
CA ARG C 175 -29.85 -3.02 -17.26
C ARG C 175 -31.36 -2.91 -17.52
N LEU C 176 -32.11 -2.46 -16.54
CA LEU C 176 -33.56 -2.40 -16.71
C LEU C 176 -33.97 -1.25 -17.63
N ARG C 177 -33.35 -0.08 -17.47
CA ARG C 177 -33.70 1.04 -18.33
C ARG C 177 -33.33 0.75 -19.78
N ASP C 178 -32.22 0.05 -19.98
CA ASP C 178 -31.76 -0.35 -21.30
C ASP C 178 -31.58 0.84 -22.24
N GLY D 17 -31.03 -29.58 -9.99
CA GLY D 17 -31.60 -28.34 -9.48
C GLY D 17 -32.77 -28.59 -8.56
N LEU D 18 -33.04 -29.88 -8.29
CA LEU D 18 -34.14 -30.23 -7.42
C LEU D 18 -33.88 -29.75 -5.99
N SER D 19 -32.63 -29.84 -5.54
CA SER D 19 -32.30 -29.33 -4.22
C SER D 19 -32.47 -27.83 -4.13
N ASP D 20 -32.15 -27.12 -5.22
CA ASP D 20 -32.30 -25.67 -5.25
C ASP D 20 -33.75 -25.25 -5.08
N VAL D 21 -34.65 -25.88 -5.82
CA VAL D 21 -36.05 -25.50 -5.68
C VAL D 21 -36.60 -25.98 -4.34
N LYS D 22 -36.06 -27.07 -3.80
CA LYS D 22 -36.46 -27.51 -2.47
C LYS D 22 -36.10 -26.46 -1.43
N THR D 23 -34.85 -25.98 -1.43
CA THR D 23 -34.50 -24.94 -0.48
C THR D 23 -35.31 -23.68 -0.73
N LEU D 24 -35.60 -23.38 -2.00
CA LEU D 24 -36.39 -22.20 -2.29
C LEU D 24 -37.81 -22.32 -1.73
N VAL D 25 -38.43 -23.49 -1.89
CA VAL D 25 -39.77 -23.67 -1.34
C VAL D 25 -39.74 -23.60 0.18
N ASN D 26 -38.69 -24.16 0.80
CA ASN D 26 -38.55 -24.08 2.25
C ASN D 26 -38.45 -22.62 2.72
N GLN D 27 -37.67 -21.81 2.01
CA GLN D 27 -37.55 -20.41 2.39
C GLN D 27 -38.89 -19.73 2.29
N LEU D 28 -39.59 -19.97 1.19
CA LEU D 28 -40.91 -19.37 0.99
C LEU D 28 -41.87 -19.81 2.09
N TYR D 29 -41.80 -21.09 2.48
CA TYR D 29 -42.71 -21.57 3.51
C TYR D 29 -42.42 -20.90 4.84
N GLU D 30 -41.15 -20.72 5.18
CA GLU D 30 -40.82 -20.04 6.42
C GLU D 30 -41.24 -18.58 6.37
N ALA D 31 -41.09 -17.94 5.21
CA ALA D 31 -41.46 -16.54 5.08
C ALA D 31 -42.97 -16.35 5.25
N LEU D 32 -43.77 -17.23 4.66
CA LEU D 32 -45.22 -17.11 4.81
C LEU D 32 -45.69 -17.53 6.20
N ASN D 33 -44.96 -18.40 6.87
CA ASN D 33 -45.41 -18.90 8.16
C ASN D 33 -45.30 -17.86 9.27
N VAL D 34 -44.41 -16.88 9.14
CA VAL D 34 -44.15 -15.96 10.24
C VAL D 34 -45.39 -15.12 10.53
N ARG D 35 -45.65 -14.90 11.80
CA ARG D 35 -46.65 -13.95 12.28
C ARG D 35 -45.93 -12.75 12.88
N GLU D 36 -46.63 -11.61 12.88
CA GLU D 36 -46.01 -10.33 13.24
C GLU D 36 -44.75 -10.11 12.43
N HIS D 37 -44.92 -10.17 11.11
CA HIS D 37 -43.79 -10.14 10.19
C HIS D 37 -42.82 -9.00 10.50
N GLN D 38 -43.34 -7.86 10.93
CA GLN D 38 -42.49 -6.73 11.25
C GLN D 38 -41.94 -6.77 12.68
N LEU D 39 -42.55 -7.54 13.57
CA LEU D 39 -42.11 -7.63 14.95
C LEU D 39 -41.22 -8.86 15.17
N GLN D 40 -41.74 -10.04 14.87
CA GLN D 40 -41.02 -11.27 15.14
C GLN D 40 -39.72 -11.35 14.34
N LYS D 41 -39.71 -10.84 13.11
CA LYS D 41 -38.48 -10.82 12.34
C LYS D 41 -37.43 -9.94 13.00
N GLU D 42 -37.86 -8.82 13.59
CA GLU D 42 -36.92 -7.97 14.31
C GLU D 42 -36.32 -8.71 15.49
N VAL D 43 -37.12 -9.50 16.20
CA VAL D 43 -36.59 -10.29 17.31
C VAL D 43 -35.56 -11.28 16.81
N GLU D 44 -35.92 -12.07 15.80
CA GLU D 44 -35.00 -13.07 15.27
C GLU D 44 -33.74 -12.41 14.73
N LEU D 45 -33.88 -11.21 14.18
CA LEU D 45 -32.72 -10.46 13.70
C LEU D 45 -31.76 -10.14 14.83
N THR D 46 -32.28 -9.69 15.97
CA THR D 46 -31.42 -9.41 17.11
C THR D 46 -30.70 -10.67 17.58
N THR D 47 -31.44 -11.77 17.70
CA THR D 47 -30.81 -13.03 18.12
C THR D 47 -29.73 -13.43 17.14
N GLN D 48 -30.00 -13.33 15.84
CA GLN D 48 -29.01 -13.74 14.85
C GLN D 48 -27.78 -12.85 14.90
N LEU D 49 -27.98 -11.54 15.05
CA LEU D 49 -26.85 -10.63 15.15
C LEU D 49 -26.02 -10.93 16.38
N GLU D 50 -26.67 -11.16 17.51
CA GLU D 50 -25.94 -11.52 18.73
C GLU D 50 -25.15 -12.81 18.54
N THR D 51 -25.77 -13.81 17.91
CA THR D 51 -25.08 -15.07 17.70
C THR D 51 -23.87 -14.90 16.80
N LEU D 52 -23.98 -14.06 15.77
CA LEU D 52 -22.85 -13.90 14.87
C LEU D 52 -21.72 -13.13 15.51
N GLN D 53 -22.04 -12.14 16.34
CA GLN D 53 -20.98 -11.44 17.07
C GLN D 53 -20.29 -12.37 18.04
N GLN D 54 -21.05 -13.22 18.73
CA GLN D 54 -20.45 -14.17 19.65
C GLN D 54 -19.59 -15.18 18.89
N GLU D 55 -19.90 -15.43 17.62
CA GLU D 55 -19.05 -16.27 16.80
C GLU D 55 -17.80 -15.53 16.35
N LEU D 56 -17.91 -14.23 16.11
CA LEU D 56 -16.76 -13.45 15.63
C LEU D 56 -15.71 -13.24 16.70
N LEU D 57 -16.11 -13.16 17.97
CA LEU D 57 -15.18 -12.79 19.04
C LEU D 57 -13.85 -13.52 18.99
N PRO D 58 -13.80 -14.86 18.90
CA PRO D 58 -12.49 -15.51 18.89
C PRO D 58 -11.60 -15.10 17.74
N LEU D 59 -12.15 -14.91 16.54
CA LEU D 59 -11.32 -14.49 15.42
C LEU D 59 -10.70 -13.12 15.67
N GLU D 60 -11.48 -12.18 16.20
CA GLU D 60 -10.93 -10.86 16.47
C GLU D 60 -9.87 -10.92 17.55
N GLU D 61 -10.08 -11.74 18.58
CA GLU D 61 -9.07 -11.87 19.62
C GLU D 61 -7.77 -12.43 19.02
N LYS D 62 -7.87 -13.47 18.21
CA LYS D 62 -6.67 -14.02 17.59
C LYS D 62 -5.97 -12.97 16.72
N LYS D 63 -6.72 -12.20 15.94
CA LYS D 63 -6.09 -11.19 15.09
C LYS D 63 -5.38 -10.15 15.94
N LEU D 64 -6.05 -9.67 17.00
CA LEU D 64 -5.44 -8.66 17.86
C LEU D 64 -4.18 -9.20 18.51
N GLU D 65 -4.22 -10.44 18.99
CA GLU D 65 -3.03 -11.02 19.61
C GLU D 65 -1.89 -11.07 18.62
N LEU D 66 -2.17 -11.54 17.40
CA LEU D 66 -1.12 -11.68 16.41
C LEU D 66 -0.58 -10.33 15.97
N GLU D 67 -1.45 -9.33 15.87
CA GLU D 67 -0.98 -7.99 15.51
C GLU D 67 -0.04 -7.43 16.57
N GLN D 68 -0.45 -7.52 17.84
CA GLN D 68 0.39 -7.03 18.92
C GLN D 68 1.73 -7.75 18.95
N VAL D 69 1.73 -9.07 18.78
CA VAL D 69 2.98 -9.79 18.84
C VAL D 69 3.88 -9.40 17.68
N ALA D 70 3.31 -9.06 16.52
CA ALA D 70 4.09 -8.66 15.37
C ALA D 70 4.38 -7.16 15.34
N ASN D 71 3.80 -6.40 16.26
CA ASN D 71 4.05 -4.96 16.31
C ASN D 71 5.12 -4.59 17.34
N ARG D 72 5.08 -5.19 18.53
CA ARG D 72 6.08 -4.88 19.53
C ARG D 72 7.48 -5.25 19.03
N ARG D 73 7.56 -6.28 18.19
CA ARG D 73 8.84 -6.64 17.59
C ARG D 73 9.40 -5.49 16.77
N SER D 74 8.60 -4.94 15.86
CA SER D 74 9.08 -3.85 15.03
C SER D 74 9.42 -2.61 15.86
N ASN D 75 8.66 -2.35 16.93
CA ASN D 75 8.98 -1.20 17.78
C ASN D 75 10.36 -1.39 18.43
N TRP D 76 10.59 -2.56 19.02
CA TRP D 76 11.90 -2.81 19.63
C TRP D 76 13.03 -2.74 18.61
N MET D 77 12.78 -3.24 17.40
CA MET D 77 13.84 -3.24 16.40
C MET D 77 14.21 -1.83 15.97
N ALA D 78 13.21 -0.97 15.79
CA ALA D 78 13.51 0.40 15.42
C ALA D 78 14.20 1.15 16.57
N TRP D 79 13.79 0.86 17.81
CA TRP D 79 14.45 1.47 18.96
C TRP D 79 15.92 1.07 19.01
N ALA D 80 16.21 -0.19 18.73
CA ALA D 80 17.59 -0.62 18.69
C ALA D 80 18.35 0.08 17.57
N GLY D 81 17.70 0.28 16.43
CA GLY D 81 18.35 1.02 15.37
C GLY D 81 18.74 2.43 15.79
N LEU D 82 17.84 3.12 16.50
CA LEU D 82 18.15 4.47 16.96
C LEU D 82 19.29 4.45 17.96
N GLY D 83 19.28 3.50 18.89
CA GLY D 83 20.38 3.40 19.83
C GLY D 83 21.71 3.25 19.13
N LEU D 84 21.76 2.38 18.12
CA LEU D 84 23.01 2.16 17.41
C LEU D 84 23.45 3.40 16.65
N MET D 85 22.50 4.10 16.02
CA MET D 85 22.88 5.33 15.31
C MET D 85 23.49 6.33 16.28
N SER D 86 22.91 6.48 17.46
CA SER D 86 23.45 7.41 18.43
C SER D 86 24.81 6.98 18.94
N VAL D 87 25.00 5.68 19.10
CA VAL D 87 26.30 5.21 19.54
C VAL D 87 27.37 5.57 18.53
N GLN D 88 27.09 5.37 17.24
CA GLN D 88 28.04 5.74 16.22
C GLN D 88 28.32 7.22 16.23
N PHE D 89 27.28 8.04 16.40
CA PHE D 89 27.46 9.47 16.46
C PHE D 89 28.41 9.83 17.61
N GLY D 90 28.19 9.23 18.76
CA GLY D 90 29.06 9.51 19.90
C GLY D 90 30.50 9.15 19.62
N ILE D 91 30.72 8.00 18.98
CA ILE D 91 32.09 7.59 18.67
C ILE D 91 32.76 8.61 17.78
N LEU D 92 32.07 9.02 16.72
CA LEU D 92 32.66 9.97 15.78
C LEU D 92 32.91 11.32 16.44
N ALA D 93 31.96 11.78 17.24
CA ALA D 93 32.10 13.10 17.84
C ALA D 93 33.30 13.17 18.76
N ARG D 94 33.51 12.17 19.60
CA ARG D 94 34.65 12.23 20.49
C ARG D 94 35.96 12.13 19.71
N LEU D 95 36.01 11.21 18.74
CA LEU D 95 37.26 11.04 18.00
C LEU D 95 37.62 12.30 17.23
N THR D 96 36.63 12.92 16.58
CA THR D 96 36.90 14.10 15.79
C THR D 96 37.31 15.29 16.63
N TRP D 97 36.72 15.45 17.81
CA TRP D 97 36.91 16.70 18.55
C TRP D 97 37.77 16.58 19.79
N TRP D 98 38.09 15.38 20.26
CA TRP D 98 38.93 15.22 21.43
C TRP D 98 40.28 14.62 21.08
N GLU D 99 40.30 13.44 20.47
CA GLU D 99 41.57 12.73 20.30
C GLU D 99 42.35 13.27 19.11
N TYR D 100 41.80 13.16 17.90
CA TYR D 100 42.44 13.63 16.69
C TYR D 100 41.64 14.76 16.08
N SER D 101 42.34 15.63 15.35
CA SER D 101 41.68 16.76 14.74
C SER D 101 40.80 16.30 13.58
N TRP D 102 40.03 17.23 13.03
CA TRP D 102 39.15 16.88 11.92
C TRP D 102 39.91 16.59 10.63
N ASP D 103 41.06 17.23 10.43
CA ASP D 103 41.76 17.09 9.17
C ASP D 103 42.24 15.66 8.90
N ILE D 104 42.60 14.91 9.94
CA ILE D 104 43.06 13.55 9.73
C ILE D 104 41.92 12.54 9.69
N MET D 105 40.77 12.86 10.27
CA MET D 105 39.64 11.95 10.35
C MET D 105 38.48 12.43 9.48
N GLU D 106 38.78 12.97 8.32
CA GLU D 106 37.70 13.18 7.38
C GLU D 106 37.41 11.90 6.59
N PRO D 107 38.42 11.16 6.11
CA PRO D 107 38.10 9.94 5.38
C PRO D 107 37.47 8.87 6.24
N VAL D 108 37.86 8.78 7.51
CA VAL D 108 37.33 7.72 8.35
C VAL D 108 35.83 7.91 8.55
N THR D 109 35.38 9.14 8.75
CA THR D 109 33.95 9.36 8.93
C THR D 109 33.19 9.14 7.63
N TYR D 110 33.77 9.52 6.50
CA TYR D 110 33.07 9.24 5.25
C TYR D 110 32.88 7.76 5.04
N PHE D 111 33.96 6.98 5.22
CA PHE D 111 33.86 5.55 4.95
C PHE D 111 33.06 4.81 6.01
N VAL D 112 32.98 5.33 7.22
CA VAL D 112 32.13 4.71 8.23
C VAL D 112 30.67 5.01 7.96
N THR D 113 30.37 6.22 7.48
CA THR D 113 29.01 6.49 7.03
C THR D 113 28.63 5.56 5.88
N TYR D 114 29.55 5.34 4.94
CA TYR D 114 29.29 4.40 3.86
C TYR D 114 29.02 3.01 4.40
N GLY D 115 29.88 2.53 5.30
CA GLY D 115 29.68 1.21 5.88
C GLY D 115 28.36 1.10 6.60
N THR D 116 27.92 2.17 7.27
CA THR D 116 26.66 2.12 7.98
C THR D 116 25.49 2.04 7.01
N ALA D 117 25.53 2.82 5.93
CA ALA D 117 24.47 2.72 4.93
C ALA D 117 24.43 1.32 4.31
N MET D 118 25.59 0.75 4.02
CA MET D 118 25.61 -0.61 3.47
C MET D 118 25.05 -1.62 4.46
N ALA D 119 25.35 -1.45 5.76
CA ALA D 119 24.83 -2.39 6.74
C ALA D 119 23.32 -2.26 6.89
N ALA D 120 22.80 -1.04 6.84
CA ALA D 120 21.35 -0.86 6.87
C ALA D 120 20.71 -1.52 5.66
N TYR D 121 21.27 -1.29 4.48
CA TYR D 121 20.78 -1.95 3.27
C TYR D 121 20.87 -3.46 3.40
N ALA D 122 21.97 -3.96 3.97
CA ALA D 122 22.12 -5.40 4.11
C ALA D 122 21.10 -5.98 5.06
N TYR D 123 20.76 -5.23 6.12
CA TYR D 123 19.75 -5.70 7.05
C TYR D 123 18.38 -5.76 6.39
N PHE D 124 18.02 -4.74 5.61
CA PHE D 124 16.75 -4.78 4.89
C PHE D 124 16.70 -5.96 3.93
N VAL D 125 17.78 -6.19 3.19
CA VAL D 125 17.80 -7.31 2.25
C VAL D 125 17.66 -8.63 2.99
N LEU D 126 18.35 -8.78 4.11
CA LEU D 126 18.28 -10.03 4.86
C LEU D 126 16.88 -10.29 5.39
N THR D 127 16.25 -9.29 6.00
CA THR D 127 14.91 -9.49 6.53
C THR D 127 13.91 -9.77 5.43
N ARG D 128 14.00 -9.03 4.32
CA ARG D 128 13.09 -9.27 3.22
C ARG D 128 13.26 -10.68 2.67
N GLU D 129 14.49 -11.04 2.33
CA GLU D 129 14.73 -12.36 1.76
C GLU D 129 14.32 -13.47 2.71
N GLU D 130 14.68 -13.35 3.99
CA GLU D 130 14.34 -14.37 4.96
C GLU D 130 12.83 -14.50 5.13
N TYR D 131 12.14 -13.37 5.30
CA TYR D 131 10.69 -13.41 5.48
C TYR D 131 10.00 -14.01 4.27
N ILE D 132 10.39 -13.61 3.07
CA ILE D 132 9.67 -14.06 1.88
C ILE D 132 10.01 -15.51 1.59
N LEU D 133 11.27 -15.91 1.83
CA LEU D 133 11.63 -17.30 1.65
C LEU D 133 10.92 -18.20 2.64
N ASN D 134 10.81 -17.75 3.90
CA ASN D 134 10.07 -18.54 4.87
C ASN D 134 8.60 -18.66 4.47
N ASP D 135 8.01 -17.57 3.99
CA ASP D 135 6.60 -17.59 3.60
C ASP D 135 6.35 -18.51 2.42
N VAL D 136 7.22 -18.47 1.39
CA VAL D 136 7.00 -19.32 0.23
C VAL D 136 7.20 -20.78 0.59
N ARG D 137 8.17 -21.07 1.46
CA ARG D 137 8.37 -22.44 1.90
C ARG D 137 7.16 -22.96 2.67
N ASP D 138 6.61 -22.12 3.55
CA ASP D 138 5.41 -22.53 4.30
C ASP D 138 4.22 -22.71 3.38
N ARG D 139 4.09 -21.84 2.38
CA ARG D 139 2.97 -21.98 1.44
C ARG D 139 3.12 -23.22 0.58
N GLN D 140 4.34 -23.56 0.17
CA GLN D 140 4.55 -24.77 -0.62
C GLN D 140 4.33 -26.02 0.22
N GLN D 141 4.73 -25.98 1.49
CA GLN D 141 4.54 -27.13 2.37
C GLN D 141 3.07 -27.33 2.73
N LEU D 142 2.35 -26.22 2.93
CA LEU D 142 0.93 -26.31 3.27
C LEU D 142 0.06 -26.24 2.02
N PHE D 154 -5.52 -18.97 12.10
CA PHE D 154 -6.29 -17.77 11.84
C PHE D 154 -6.50 -17.55 10.36
N ASP D 155 -7.67 -17.93 9.85
CA ASP D 155 -8.03 -17.73 8.46
C ASP D 155 -8.68 -16.36 8.32
N VAL D 156 -8.02 -15.46 7.59
CA VAL D 156 -8.52 -14.10 7.48
C VAL D 156 -9.79 -14.06 6.67
N ASN D 157 -9.94 -14.97 5.70
CA ASN D 157 -11.07 -14.89 4.78
C ASN D 157 -12.39 -15.10 5.48
N GLN D 158 -12.47 -16.09 6.36
CA GLN D 158 -13.75 -16.31 7.02
C GLN D 158 -14.00 -15.23 8.06
N TYR D 159 -12.96 -14.66 8.63
CA TYR D 159 -13.18 -13.53 9.52
C TYR D 159 -13.75 -12.35 8.74
N ASN D 160 -13.25 -12.12 7.52
CA ASN D 160 -13.74 -10.99 6.75
C ASN D 160 -15.15 -11.25 6.24
N VAL D 161 -15.44 -12.49 5.84
CA VAL D 161 -16.80 -12.85 5.47
C VAL D 161 -17.73 -12.69 6.67
N LEU D 162 -17.23 -12.97 7.86
CA LEU D 162 -18.05 -12.81 9.05
C LEU D 162 -18.36 -11.35 9.33
N LYS D 163 -17.37 -10.48 9.16
CA LYS D 163 -17.63 -9.05 9.27
C LYS D 163 -18.68 -8.59 8.26
N ASP D 164 -18.61 -9.10 7.04
CA ASP D 164 -19.60 -8.71 6.04
C ASP D 164 -21.00 -9.13 6.45
N GLN D 165 -21.18 -10.39 6.84
CA GLN D 165 -22.52 -10.86 7.19
C GLN D 165 -23.06 -10.09 8.39
N ILE D 166 -22.21 -9.78 9.35
CA ILE D 166 -22.71 -9.15 10.57
C ILE D 166 -23.02 -7.68 10.30
N ALA D 167 -22.22 -7.02 9.47
CA ALA D 167 -22.53 -5.63 9.14
C ALA D 167 -23.80 -5.52 8.33
N LYS D 168 -24.00 -6.44 7.38
CA LYS D 168 -25.25 -6.43 6.63
C LYS D 168 -26.44 -6.69 7.54
N LEU D 169 -26.28 -7.60 8.50
CA LEU D 169 -27.38 -7.89 9.41
C LEU D 169 -27.70 -6.67 10.27
N GLU D 170 -26.67 -6.01 10.79
CA GLU D 170 -26.89 -4.83 11.62
C GLU D 170 -27.52 -3.71 10.82
N LEU D 171 -27.10 -3.55 9.57
CA LEU D 171 -27.69 -2.51 8.75
C LEU D 171 -29.16 -2.79 8.47
N ASP D 172 -29.48 -4.03 8.15
CA ASP D 172 -30.86 -4.37 7.85
C ASP D 172 -31.72 -4.16 9.11
N LEU D 173 -31.17 -4.54 10.29
CA LEU D 173 -31.87 -4.32 11.56
C LEU D 173 -32.13 -2.83 11.78
N LYS D 174 -31.13 -1.99 11.51
CA LYS D 174 -31.32 -0.55 11.61
C LYS D 174 -32.47 -0.10 10.71
N ARG D 175 -32.51 -0.59 9.48
CA ARG D 175 -33.55 -0.18 8.55
C ARG D 175 -34.92 -0.63 9.03
N LEU D 176 -34.98 -1.80 9.67
CA LEU D 176 -36.26 -2.32 10.15
C LEU D 176 -36.73 -1.57 11.39
N ARG D 177 -35.79 -1.22 12.27
CA ARG D 177 -36.15 -0.50 13.49
C ARG D 177 -36.66 0.89 13.16
N ASP D 178 -35.89 1.66 12.40
CA ASP D 178 -36.29 3.00 11.99
C ASP D 178 -36.09 3.18 10.50
N ILE E 219 25.88 -16.01 6.12
CA ILE E 219 27.12 -16.66 5.68
C ILE E 219 27.33 -16.26 4.25
N ARG E 220 26.25 -16.41 3.48
CA ARG E 220 26.27 -16.06 2.08
C ARG E 220 26.44 -14.56 1.90
N LEU E 221 25.91 -13.76 2.83
CA LEU E 221 26.08 -12.32 2.78
C LEU E 221 27.57 -11.95 2.83
N ILE E 222 28.31 -12.54 3.75
CA ILE E 222 29.74 -12.26 3.83
C ILE E 222 30.45 -12.73 2.57
N LEU E 223 30.08 -13.92 2.09
CA LEU E 223 30.71 -14.46 0.90
C LEU E 223 30.37 -13.67 -0.35
N THR E 224 29.33 -12.85 -0.32
CA THR E 224 29.05 -11.98 -1.45
C THR E 224 29.77 -10.64 -1.36
N VAL E 225 29.75 -10.01 -0.19
CA VAL E 225 30.33 -8.67 -0.06
C VAL E 225 31.85 -8.73 -0.16
N VAL E 226 32.49 -9.50 0.73
CA VAL E 226 33.95 -9.45 0.87
C VAL E 226 34.67 -9.73 -0.44
N PRO E 227 34.32 -10.75 -1.22
CA PRO E 227 34.99 -10.94 -2.51
C PRO E 227 34.79 -9.77 -3.45
N GLY E 228 33.62 -9.14 -3.41
CA GLY E 228 33.40 -7.96 -4.22
C GLY E 228 34.32 -6.82 -3.83
N LEU E 229 34.52 -6.61 -2.53
CA LEU E 229 35.41 -5.53 -2.09
C LEU E 229 36.85 -5.79 -2.51
N LEU E 230 37.33 -7.02 -2.32
CA LEU E 230 38.68 -7.36 -2.73
C LEU E 230 38.84 -7.26 -4.24
N ILE E 231 37.82 -7.68 -4.98
CA ILE E 231 37.88 -7.58 -6.44
C ILE E 231 37.95 -6.12 -6.85
N GLY E 232 37.17 -5.26 -6.19
CA GLY E 232 37.25 -3.84 -6.47
C GLY E 232 38.62 -3.26 -6.21
N ALA E 233 39.25 -3.66 -5.12
CA ALA E 233 40.59 -3.18 -4.81
C ALA E 233 41.59 -3.59 -5.89
N ALA E 234 41.60 -4.87 -6.25
CA ALA E 234 42.55 -5.35 -7.25
C ALA E 234 42.31 -4.72 -8.61
N ILE E 235 41.06 -4.47 -9.00
CA ILE E 235 40.83 -3.88 -10.31
C ILE E 235 41.28 -2.42 -10.32
N SER E 236 41.07 -1.71 -9.21
CA SER E 236 41.56 -0.34 -9.12
C SER E 236 43.08 -0.32 -9.13
N LYS E 237 43.70 -1.27 -8.43
CA LYS E 237 45.15 -1.43 -8.51
C LYS E 237 45.60 -1.53 -9.97
N ASN E 238 44.99 -2.45 -10.71
CA ASN E 238 45.42 -2.74 -12.07
C ASN E 238 45.18 -1.54 -12.98
N ILE E 239 44.05 -0.85 -12.82
CA ILE E 239 43.76 0.28 -13.67
C ILE E 239 44.74 1.42 -13.40
N ALA E 240 45.10 1.64 -12.13
CA ALA E 240 46.10 2.66 -11.83
C ALA E 240 47.44 2.25 -12.39
N ASN E 241 47.75 0.96 -12.34
CA ASN E 241 48.96 0.43 -12.98
C ASN E 241 48.95 0.73 -14.47
N PHE E 242 47.81 0.49 -15.12
CA PHE E 242 47.65 0.68 -16.56
C PHE E 242 48.03 2.09 -17.01
N LEU E 243 47.59 3.13 -16.31
CA LEU E 243 47.91 4.48 -16.77
C LEU E 243 49.43 4.69 -16.77
N ILE F 219 18.48 4.16 -24.57
CA ILE F 219 18.92 5.08 -25.60
C ILE F 219 18.49 6.46 -25.18
N ARG F 220 17.22 6.52 -24.78
CA ARG F 220 16.65 7.77 -24.32
C ARG F 220 17.28 8.21 -23.01
N LEU F 221 17.69 7.25 -22.18
CA LEU F 221 18.38 7.59 -20.94
C LEU F 221 19.66 8.36 -21.21
N ILE F 222 20.47 7.88 -22.16
CA ILE F 222 21.70 8.58 -22.49
C ILE F 222 21.38 9.96 -23.07
N LEU F 223 20.38 10.02 -23.95
CA LEU F 223 20.01 11.28 -24.57
C LEU F 223 19.42 12.26 -23.58
N THR F 224 18.98 11.81 -22.41
CA THR F 224 18.53 12.74 -21.38
C THR F 224 19.66 13.20 -20.46
N VAL F 225 20.52 12.29 -20.02
CA VAL F 225 21.56 12.66 -19.06
C VAL F 225 22.62 13.52 -19.73
N VAL F 226 23.26 12.99 -20.79
CA VAL F 226 24.45 13.63 -21.36
C VAL F 226 24.19 15.08 -21.76
N PRO F 227 23.11 15.42 -22.46
CA PRO F 227 22.86 16.83 -22.76
C PRO F 227 22.71 17.69 -21.52
N GLY F 228 22.08 17.13 -20.48
CA GLY F 228 21.98 17.86 -19.22
C GLY F 228 23.34 18.16 -18.62
N LEU F 229 24.25 17.18 -18.65
CA LEU F 229 25.57 17.41 -18.08
C LEU F 229 26.33 18.48 -18.86
N LEU F 230 26.30 18.41 -20.19
CA LEU F 230 26.98 19.41 -21.01
C LEU F 230 26.34 20.77 -20.82
N ILE F 231 25.01 20.81 -20.70
CA ILE F 231 24.34 22.09 -20.48
C ILE F 231 24.77 22.68 -19.14
N GLY F 232 24.87 21.82 -18.11
CA GLY F 232 25.35 22.30 -16.83
C GLY F 232 26.76 22.87 -16.90
N ALA F 233 27.65 22.20 -17.63
CA ALA F 233 29.00 22.70 -17.78
C ALA F 233 29.03 24.07 -18.44
N ALA F 234 28.33 24.22 -19.57
CA ALA F 234 28.33 25.49 -20.28
C ALA F 234 27.69 26.61 -19.46
N ILE F 235 26.64 26.32 -18.69
CA ILE F 235 26.02 27.38 -17.92
C ILE F 235 26.95 27.82 -16.78
N SER F 236 27.65 26.86 -16.17
CA SER F 236 28.62 27.22 -15.14
C SER F 236 29.77 28.02 -15.74
N LYS F 237 30.23 27.62 -16.93
CA LYS F 237 31.20 28.43 -17.66
C LYS F 237 30.74 29.86 -17.79
N ASN F 238 29.52 30.06 -18.29
CA ASN F 238 29.03 31.39 -18.57
C ASN F 238 28.85 32.20 -17.29
N ILE F 239 28.36 31.57 -16.22
CA ILE F 239 28.15 32.29 -14.98
C ILE F 239 29.49 32.72 -14.39
N ALA F 240 30.50 31.86 -14.47
CA ALA F 240 31.82 32.25 -14.00
C ALA F 240 32.39 33.38 -14.85
N ASN F 241 32.12 33.32 -16.16
CA ASN F 241 32.49 34.41 -17.05
C ASN F 241 31.82 35.70 -16.62
N PHE F 242 30.52 35.63 -16.29
CA PHE F 242 29.74 36.80 -15.91
C PHE F 242 30.36 37.56 -14.74
N LEU F 243 30.81 36.88 -13.69
CA LEU F 243 31.35 37.62 -12.55
C LEU F 243 32.57 38.43 -12.97
N ILE G 219 3.36 31.12 -3.45
CA ILE G 219 3.43 32.41 -2.77
C ILE G 219 3.69 32.13 -1.32
N ARG G 220 2.87 31.20 -0.81
CA ARG G 220 2.99 30.79 0.58
C ARG G 220 4.31 30.08 0.83
N LEU G 221 4.81 29.35 -0.18
CA LEU G 221 6.10 28.69 -0.06
C LEU G 221 7.21 29.70 0.21
N ILE G 222 7.24 30.79 -0.55
CA ILE G 222 8.25 31.80 -0.32
C ILE G 222 8.08 32.43 1.05
N LEU G 223 6.83 32.72 1.42
CA LEU G 223 6.55 33.34 2.71
C LEU G 223 6.86 32.42 3.87
N THR G 224 6.98 31.12 3.64
CA THR G 224 7.41 30.22 4.70
C THR G 224 8.92 30.08 4.80
N VAL G 225 9.60 29.90 3.66
CA VAL G 225 11.04 29.67 3.68
C VAL G 225 11.79 30.93 4.10
N VAL G 226 11.62 32.01 3.35
CA VAL G 226 12.45 33.20 3.52
C VAL G 226 12.43 33.74 4.95
N PRO G 227 11.28 33.88 5.62
CA PRO G 227 11.32 34.32 7.02
C PRO G 227 12.07 33.36 7.91
N GLY G 228 11.96 32.06 7.65
CA GLY G 228 12.71 31.09 8.41
C GLY G 228 14.22 31.28 8.26
N LEU G 229 14.67 31.54 7.03
CA LEU G 229 16.10 31.73 6.82
C LEU G 229 16.60 32.99 7.52
N LEU G 230 15.87 34.09 7.42
CA LEU G 230 16.26 35.32 8.09
C LEU G 230 16.23 35.14 9.60
N ILE G 231 15.22 34.41 10.09
CA ILE G 231 15.15 34.17 11.54
C ILE G 231 16.34 33.35 11.99
N GLY G 232 16.72 32.35 11.19
CA GLY G 232 17.91 31.58 11.52
C GLY G 232 19.16 32.43 11.57
N ALA G 233 19.32 33.34 10.62
CA ALA G 233 20.48 34.21 10.61
C ALA G 233 20.54 35.08 11.87
N ALA G 234 19.42 35.74 12.20
CA ALA G 234 19.41 36.60 13.37
C ALA G 234 19.61 35.84 14.67
N ILE G 235 19.10 34.62 14.79
CA ILE G 235 19.28 33.89 16.03
C ILE G 235 20.74 33.46 16.16
N SER G 236 21.37 33.06 15.05
CA SER G 236 22.79 32.73 15.09
C SER G 236 23.62 33.95 15.42
N LYS G 237 23.26 35.10 14.85
CA LYS G 237 23.90 36.36 15.24
C LYS G 237 23.84 36.54 16.75
N ASN G 238 22.66 36.43 17.33
CA ASN G 238 22.47 36.72 18.74
C ASN G 238 23.21 35.71 19.61
N ILE G 239 23.20 34.43 19.21
CA ILE G 239 23.87 33.42 20.03
C ILE G 239 25.38 33.64 19.99
N ALA G 240 25.92 34.02 18.83
CA ALA G 240 27.35 34.33 18.77
C ALA G 240 27.67 35.55 19.59
N ASN G 241 26.77 36.53 19.58
CA ASN G 241 26.88 37.70 20.44
C ASN G 241 26.92 37.29 21.91
N PHE G 242 26.03 36.38 22.29
CA PHE G 242 25.92 35.91 23.67
C PHE G 242 27.23 35.36 24.22
N LEU G 243 27.95 34.55 23.47
CA LEU G 243 29.18 33.98 24.02
C LEU G 243 30.17 35.10 24.34
N ILE H 219 10.58 10.73 27.20
CA ILE H 219 11.44 10.56 28.37
C ILE H 219 12.34 9.39 28.08
N ARG H 220 11.70 8.32 27.62
CA ARG H 220 12.41 7.11 27.27
C ARG H 220 13.30 7.34 26.06
N LEU H 221 12.89 8.22 25.15
CA LEU H 221 13.71 8.56 23.99
C LEU H 221 15.05 9.14 24.43
N ILE H 222 15.02 10.09 25.37
CA ILE H 222 16.26 10.67 25.85
C ILE H 222 17.10 9.61 26.56
N LEU H 223 16.45 8.78 27.37
CA LEU H 223 17.15 7.76 28.12
C LEU H 223 17.72 6.68 27.20
N THR H 224 17.25 6.57 25.97
CA THR H 224 17.86 5.64 25.02
C THR H 224 19.02 6.27 24.25
N VAL H 225 18.84 7.48 23.75
CA VAL H 225 19.87 8.09 22.91
C VAL H 225 21.10 8.46 23.74
N VAL H 226 20.92 9.29 24.76
CA VAL H 226 22.07 9.89 25.47
C VAL H 226 23.02 8.84 26.02
N PRO H 227 22.56 7.77 26.68
CA PRO H 227 23.50 6.73 27.13
C PRO H 227 24.25 6.09 25.98
N GLY H 228 23.57 5.91 24.85
CA GLY H 228 24.25 5.36 23.68
C GLY H 228 25.37 6.26 23.19
N LEU H 229 25.13 7.58 23.18
CA LEU H 229 26.16 8.50 22.72
C LEU H 229 27.36 8.50 23.66
N LEU H 230 27.11 8.53 24.97
CA LEU H 230 28.21 8.50 25.93
C LEU H 230 28.95 7.18 25.86
N ILE H 231 28.22 6.08 25.68
CA ILE H 231 28.87 4.79 25.55
C ILE H 231 29.75 4.76 24.31
N GLY H 232 29.27 5.32 23.21
CA GLY H 232 30.10 5.41 22.02
C GLY H 232 31.36 6.21 22.24
N ALA H 233 31.26 7.32 22.94
CA ALA H 233 32.43 8.13 23.23
C ALA H 233 33.46 7.35 24.04
N ALA H 234 33.02 6.72 25.14
CA ALA H 234 33.95 5.98 25.98
C ALA H 234 34.57 4.79 25.26
N ILE H 235 33.82 4.11 24.40
CA ILE H 235 34.41 2.97 23.71
C ILE H 235 35.44 3.42 22.69
N SER H 236 35.17 4.55 22.02
CA SER H 236 36.17 5.11 21.11
C SER H 236 37.40 5.58 21.87
N LYS H 237 37.19 6.19 23.03
CA LYS H 237 38.32 6.52 23.90
C LYS H 237 39.18 5.29 24.16
N ASN H 238 38.55 4.21 24.60
CA ASN H 238 39.30 3.02 25.01
C ASN H 238 40.00 2.39 23.82
N ILE H 239 39.34 2.35 22.66
CA ILE H 239 39.95 1.72 21.49
C ILE H 239 41.16 2.53 21.04
N ALA H 240 41.06 3.87 21.08
CA ALA H 240 42.21 4.69 20.73
C ALA H 240 43.33 4.50 21.75
N ASN H 241 42.97 4.33 23.02
CA ASN H 241 43.93 4.00 24.05
C ASN H 241 44.63 2.69 23.73
N PHE H 242 43.85 1.69 23.33
CA PHE H 242 44.37 0.36 23.02
C PHE H 242 45.49 0.37 21.98
N LEU H 243 45.34 1.13 20.90
CA LEU H 243 46.40 1.11 19.88
C LEU H 243 47.71 1.62 20.47
#